data_3C5M
#
_entry.id   3C5M
#
_cell.length_a   115.233
_cell.length_b   115.233
_cell.length_c   209.950
_cell.angle_alpha   90.00
_cell.angle_beta   90.00
_cell.angle_gamma   120.00
#
_symmetry.space_group_name_H-M   'P 3 2 1'
#
loop_
_entity.id
_entity.type
_entity.pdbx_description
1 polymer 'Oligogalacturonate lyase'
2 non-polymer 'MANGANESE (II) ION'
3 water water
#
_entity_poly.entity_id   1
_entity_poly.type   'polypeptide(L)'
_entity_poly.pdbx_seq_one_letter_code
;(MSE)AKGDVITLNFETFVDSDTQVKVTRLTPTDIICHRNYFYQKCFTQDGKKLLFAGDFDGNRNYYLLNLETQQAVQLT
EGKGDNTFGGFISTDERAFFYVKNELNL(MSE)KVDLETLEEQVIYTVDEEWKGYGTWVANSDCTKLVGIEILKRDWQPL
TSWEKFAEFYHTNPTCRLIKVDIETGELEVIHQDTAWLGHPIYRPFDDSTVGFCHEGPHDLVDAR(MSE)WLVNEDGSNV
RKIKEHAEGESCTHEFWIPDGSA(MSE)AYVSYFKGQTDRVIYKANPETLENEEV(MSE)V(MSE)PPCSHL(MSE)SNF
DGSL(MSE)VGDGCDAPVDVADADSYNIENDPFLYVLNTKAKSAQKLCKHSTSWDVLDGDRQITHPHPSFTPNDDGVLFT
SDFEGVPAIYIADVPESYKHLEHHHHHH
;
_entity_poly.pdbx_strand_id   A,B,C
#
loop_
_chem_comp.id
_chem_comp.type
_chem_comp.name
_chem_comp.formula
MN non-polymer 'MANGANESE (II) ION' 'Mn 2'
#
# COMPACT_ATOMS: atom_id res chain seq x y z
N ALA A 2 30.52 -33.96 -0.33
CA ALA A 2 30.82 -35.27 0.30
C ALA A 2 29.71 -35.65 1.26
N LYS A 3 29.39 -36.95 1.28
CA LYS A 3 28.35 -37.48 2.14
C LYS A 3 28.43 -36.94 3.57
N GLY A 4 27.35 -36.33 4.04
CA GLY A 4 27.35 -35.80 5.38
C GLY A 4 27.35 -34.28 5.45
N ASP A 5 27.89 -33.64 4.42
CA ASP A 5 27.94 -32.18 4.40
C ASP A 5 26.56 -31.57 4.53
N VAL A 6 26.53 -30.31 4.94
CA VAL A 6 25.28 -29.59 5.12
C VAL A 6 25.26 -28.33 4.29
N ILE A 7 24.11 -27.97 3.75
CA ILE A 7 23.98 -26.76 2.96
C ILE A 7 22.78 -25.96 3.43
N THR A 8 22.98 -24.67 3.63
CA THR A 8 21.89 -23.81 4.08
C THR A 8 21.24 -23.16 2.86
N LEU A 9 19.93 -23.35 2.72
CA LEU A 9 19.18 -22.83 1.58
C LEU A 9 18.32 -21.62 1.92
N ASN A 10 17.91 -20.90 0.88
CA ASN A 10 17.06 -19.71 1.03
C ASN A 10 15.70 -20.00 0.41
N PHE A 11 14.63 -19.82 1.18
CA PHE A 11 13.30 -20.07 0.63
C PHE A 11 12.67 -18.77 0.18
N GLU A 12 12.37 -18.67 -1.12
CA GLU A 12 11.77 -17.46 -1.65
C GLU A 12 10.36 -17.77 -2.08
N THR A 13 9.40 -17.01 -1.54
CA THR A 13 8.01 -17.24 -1.87
C THR A 13 7.46 -16.13 -2.76
N PHE A 14 6.74 -16.51 -3.81
CA PHE A 14 6.15 -15.54 -4.71
C PHE A 14 4.68 -15.85 -4.96
N VAL A 15 3.94 -14.89 -5.52
CA VAL A 15 2.53 -15.10 -5.79
C VAL A 15 2.31 -15.31 -7.27
N ASP A 16 1.56 -16.35 -7.61
CA ASP A 16 1.29 -16.63 -9.02
C ASP A 16 0.44 -15.50 -9.59
N SER A 17 0.87 -14.96 -10.73
CA SER A 17 0.18 -13.86 -11.39
C SER A 17 -1.24 -14.14 -11.88
N ASP A 18 -1.60 -15.41 -12.06
CA ASP A 18 -2.93 -15.78 -12.55
C ASP A 18 -3.90 -16.33 -11.49
N THR A 19 -3.37 -16.91 -10.42
CA THR A 19 -4.23 -17.50 -9.39
C THR A 19 -4.05 -16.90 -8.02
N GLN A 20 -3.01 -16.07 -7.88
CA GLN A 20 -2.68 -15.41 -6.62
C GLN A 20 -2.19 -16.41 -5.58
N VAL A 21 -2.16 -17.69 -5.94
CA VAL A 21 -1.72 -18.72 -5.01
C VAL A 21 -0.24 -18.57 -4.68
N LYS A 22 0.11 -18.80 -3.43
CA LYS A 22 1.51 -18.68 -3.01
C LYS A 22 2.33 -19.89 -3.43
N VAL A 23 3.55 -19.62 -3.90
CA VAL A 23 4.46 -20.65 -4.34
C VAL A 23 5.84 -20.31 -3.80
N THR A 24 6.47 -21.30 -3.17
CA THR A 24 7.77 -21.05 -2.62
C THR A 24 8.83 -21.99 -3.21
N ARG A 25 9.98 -21.42 -3.58
CA ARG A 25 11.09 -22.14 -4.18
C ARG A 25 12.05 -22.62 -3.08
N LEU A 26 12.33 -23.92 -3.02
CA LEU A 26 13.20 -24.48 -2.00
C LEU A 26 14.68 -24.49 -2.35
N THR A 27 14.98 -24.78 -3.62
CA THR A 27 16.38 -24.85 -4.06
C THR A 27 16.86 -23.62 -4.82
N PRO A 28 18.19 -23.39 -4.86
CA PRO A 28 18.80 -22.25 -5.56
C PRO A 28 18.45 -22.23 -7.04
N THR A 29 18.40 -21.03 -7.59
CA THR A 29 18.06 -20.86 -8.99
C THR A 29 19.25 -21.10 -9.93
N ASP A 30 20.44 -21.28 -9.34
CA ASP A 30 21.66 -21.52 -10.10
C ASP A 30 22.19 -22.96 -10.10
N ILE A 31 21.55 -23.88 -9.38
CA ILE A 31 22.01 -25.28 -9.36
C ILE A 31 20.85 -26.23 -9.64
N ILE A 32 21.09 -27.22 -10.49
CA ILE A 32 20.07 -28.20 -10.86
C ILE A 32 19.56 -29.06 -9.69
N CYS A 33 18.24 -29.11 -9.52
CA CYS A 33 17.62 -29.90 -8.46
C CYS A 33 16.27 -30.40 -8.94
N HIS A 34 15.86 -31.57 -8.46
CA HIS A 34 14.56 -32.10 -8.83
C HIS A 34 14.08 -33.08 -7.78
N ARG A 35 12.75 -33.25 -7.74
CA ARG A 35 12.10 -34.16 -6.82
C ARG A 35 12.08 -35.55 -7.44
N ASN A 36 11.86 -36.57 -6.61
CA ASN A 36 11.81 -37.96 -7.06
C ASN A 36 10.48 -38.20 -7.78
N TYR A 37 10.23 -39.44 -8.19
CA TYR A 37 8.96 -39.74 -8.85
C TYR A 37 7.83 -39.53 -7.85
N PHE A 38 6.74 -38.96 -8.33
CA PHE A 38 5.57 -38.63 -7.53
C PHE A 38 4.93 -39.74 -6.72
N TYR A 39 5.06 -40.99 -7.15
CA TYR A 39 4.46 -42.06 -6.38
C TYR A 39 5.34 -42.57 -5.25
N GLN A 40 6.61 -42.17 -5.26
CA GLN A 40 7.57 -42.57 -4.24
C GLN A 40 7.53 -41.59 -3.08
N LYS A 41 7.65 -42.12 -1.86
CA LYS A 41 7.61 -41.28 -0.67
C LYS A 41 8.86 -40.41 -0.55
N CYS A 42 8.68 -39.10 -0.39
CA CYS A 42 9.81 -38.20 -0.25
C CYS A 42 9.63 -37.24 0.94
N PHE A 43 8.47 -37.31 1.56
CA PHE A 43 8.12 -36.46 2.69
C PHE A 43 7.92 -37.31 3.94
N THR A 44 8.38 -36.81 5.09
CA THR A 44 8.16 -37.55 6.34
C THR A 44 6.76 -37.17 6.81
N GLN A 45 6.12 -38.03 7.57
CA GLN A 45 4.75 -37.78 8.03
C GLN A 45 4.52 -36.40 8.62
N ASP A 46 5.46 -35.93 9.43
CA ASP A 46 5.34 -34.62 10.05
C ASP A 46 5.47 -33.48 9.03
N GLY A 47 5.94 -33.80 7.83
CA GLY A 47 6.10 -32.80 6.80
C GLY A 47 7.25 -31.83 7.06
N LYS A 48 8.27 -32.30 7.76
CA LYS A 48 9.41 -31.46 8.11
C LYS A 48 10.67 -31.78 7.33
N LYS A 49 10.76 -33.01 6.83
CA LYS A 49 11.91 -33.47 6.09
C LYS A 49 11.52 -33.83 4.65
N LEU A 50 12.38 -33.50 3.71
CA LEU A 50 12.10 -33.79 2.31
C LEU A 50 13.29 -34.43 1.63
N LEU A 51 13.04 -35.44 0.82
CA LEU A 51 14.11 -36.11 0.11
C LEU A 51 14.10 -35.56 -1.31
N PHE A 52 15.27 -35.24 -1.85
CA PHE A 52 15.37 -34.69 -3.23
C PHE A 52 16.79 -34.84 -3.76
N ALA A 53 17.01 -34.45 -5.00
CA ALA A 53 18.33 -34.56 -5.62
C ALA A 53 18.84 -33.20 -6.12
N GLY A 54 20.15 -33.03 -6.12
CA GLY A 54 20.75 -31.79 -6.61
C GLY A 54 22.21 -31.97 -6.96
N ASP A 55 22.80 -30.99 -7.65
CA ASP A 55 24.22 -31.08 -8.04
C ASP A 55 25.17 -30.27 -7.18
N PHE A 56 24.77 -29.95 -5.95
CA PHE A 56 25.62 -29.19 -5.06
C PHE A 56 27.05 -29.73 -5.01
N ASP A 57 27.18 -31.05 -5.01
CA ASP A 57 28.51 -31.65 -4.93
C ASP A 57 29.07 -32.11 -6.28
N GLY A 58 28.72 -31.39 -7.34
CA GLY A 58 29.22 -31.71 -8.66
C GLY A 58 28.65 -32.99 -9.24
N ASN A 59 27.75 -33.62 -8.49
CA ASN A 59 27.13 -34.85 -8.95
C ASN A 59 25.68 -34.87 -8.57
N ARG A 60 24.88 -35.49 -9.41
CA ARG A 60 23.46 -35.60 -9.14
C ARG A 60 23.37 -36.60 -7.97
N ASN A 61 23.22 -36.09 -6.73
CA ASN A 61 23.12 -36.92 -5.50
C ASN A 61 21.84 -36.64 -4.69
N TYR A 62 21.61 -37.44 -3.64
CA TYR A 62 20.43 -37.28 -2.79
C TYR A 62 20.65 -36.41 -1.57
N TYR A 63 19.65 -35.58 -1.27
CA TYR A 63 19.74 -34.71 -0.10
C TYR A 63 18.48 -34.88 0.75
N LEU A 64 18.56 -34.48 2.01
CA LEU A 64 17.42 -34.52 2.90
C LEU A 64 17.30 -33.09 3.36
N LEU A 65 16.22 -32.43 2.99
CA LEU A 65 16.00 -31.04 3.35
C LEU A 65 15.12 -30.94 4.58
N ASN A 66 15.52 -30.06 5.49
CA ASN A 66 14.78 -29.81 6.72
C ASN A 66 13.95 -28.55 6.44
N LEU A 67 12.68 -28.73 6.11
CA LEU A 67 11.81 -27.62 5.80
C LEU A 67 11.80 -26.50 6.88
N GLU A 68 11.99 -26.85 8.15
CA GLU A 68 11.95 -25.82 9.18
C GLU A 68 13.32 -25.27 9.58
N THR A 69 14.37 -25.74 8.95
CA THR A 69 15.71 -25.30 9.28
C THR A 69 16.36 -24.74 8.03
N GLN A 70 15.81 -25.13 6.90
CA GLN A 70 16.30 -24.73 5.61
C GLN A 70 17.68 -25.27 5.35
N GLN A 71 18.04 -26.33 6.07
CA GLN A 71 19.35 -26.96 5.89
C GLN A 71 19.18 -28.35 5.29
N ALA A 72 20.03 -28.67 4.34
CA ALA A 72 19.98 -29.96 3.68
C ALA A 72 21.29 -30.70 3.87
N VAL A 73 21.19 -31.99 4.14
CA VAL A 73 22.39 -32.79 4.32
C VAL A 73 22.57 -33.72 3.13
N GLN A 74 23.81 -33.90 2.70
CA GLN A 74 24.08 -34.77 1.58
C GLN A 74 23.97 -36.21 2.03
N LEU A 75 23.07 -36.96 1.40
CA LEU A 75 22.82 -38.36 1.72
C LEU A 75 23.76 -39.30 1.01
N THR A 76 23.98 -39.07 -0.27
CA THR A 76 24.84 -39.92 -1.07
C THR A 76 25.88 -39.11 -1.83
N GLU A 77 27.00 -39.75 -2.17
CA GLU A 77 28.09 -39.10 -2.90
C GLU A 77 28.56 -39.93 -4.08
N GLY A 78 29.39 -39.33 -4.93
CA GLY A 78 29.91 -40.02 -6.10
C GLY A 78 28.90 -40.03 -7.23
N LYS A 79 29.23 -40.68 -8.33
CA LYS A 79 28.30 -40.72 -9.45
C LYS A 79 27.56 -42.05 -9.54
N GLY A 80 26.53 -42.08 -10.37
CA GLY A 80 25.78 -43.30 -10.55
C GLY A 80 24.44 -43.44 -9.83
N ASP A 81 23.99 -42.41 -9.15
CA ASP A 81 22.72 -42.50 -8.45
C ASP A 81 21.57 -42.33 -9.40
N ASN A 82 20.50 -43.10 -9.15
CA ASN A 82 19.29 -42.97 -9.93
C ASN A 82 18.52 -42.04 -9.00
N THR A 83 18.49 -40.77 -9.35
CA THR A 83 17.85 -39.79 -8.50
C THR A 83 16.36 -39.69 -8.53
N PHE A 84 15.72 -40.57 -9.30
CA PHE A 84 14.25 -40.55 -9.40
C PHE A 84 13.50 -41.59 -8.59
N GLY A 85 14.02 -42.82 -8.59
CA GLY A 85 13.37 -43.91 -7.87
C GLY A 85 13.48 -43.87 -6.37
N GLY A 86 14.41 -43.07 -5.84
CA GLY A 86 14.59 -43.01 -4.39
C GLY A 86 13.35 -42.77 -3.58
N PHE A 87 13.32 -43.29 -2.35
CA PHE A 87 12.17 -43.08 -1.47
C PHE A 87 12.52 -43.31 -0.01
N ILE A 88 11.74 -42.70 0.87
CA ILE A 88 11.94 -42.81 2.31
C ILE A 88 11.17 -44.01 2.87
N SER A 89 11.76 -44.70 3.86
CA SER A 89 11.15 -45.87 4.49
C SER A 89 9.90 -45.48 5.26
N THR A 90 9.09 -46.45 5.65
CA THR A 90 7.88 -46.19 6.39
C THR A 90 8.22 -45.68 7.79
N ASP A 91 9.26 -46.27 8.39
CA ASP A 91 9.72 -45.89 9.74
C ASP A 91 10.50 -44.59 9.67
N GLU A 92 10.73 -44.11 8.45
CA GLU A 92 11.44 -42.86 8.23
C GLU A 92 12.83 -42.84 8.83
N ARG A 93 13.45 -44.00 8.95
CA ARG A 93 14.79 -44.07 9.50
C ARG A 93 15.81 -44.35 8.40
N ALA A 94 15.32 -44.42 7.18
CA ALA A 94 16.20 -44.68 6.06
C ALA A 94 15.48 -44.45 4.73
N PHE A 95 16.27 -44.38 3.65
CA PHE A 95 15.68 -44.23 2.32
C PHE A 95 16.41 -45.22 1.43
N PHE A 96 15.81 -45.59 0.31
CA PHE A 96 16.42 -46.55 -0.61
C PHE A 96 16.61 -45.94 -1.99
N TYR A 97 17.66 -46.38 -2.68
CA TYR A 97 17.93 -45.90 -4.03
C TYR A 97 18.83 -46.87 -4.74
N VAL A 98 18.89 -46.78 -6.07
CA VAL A 98 19.73 -47.66 -6.86
C VAL A 98 20.94 -46.91 -7.41
N LYS A 99 22.11 -47.52 -7.25
CA LYS A 99 23.34 -46.89 -7.73
C LYS A 99 23.97 -47.76 -8.81
N ASN A 100 24.45 -47.10 -9.87
CA ASN A 100 25.11 -47.77 -10.99
C ASN A 100 24.25 -48.80 -11.64
N GLU A 101 22.95 -48.68 -11.43
CA GLU A 101 21.96 -49.60 -11.98
C GLU A 101 22.32 -51.04 -11.63
N LEU A 102 23.07 -51.24 -10.55
CA LEU A 102 23.44 -52.59 -10.17
C LEU A 102 23.08 -52.95 -8.74
N ASN A 103 23.29 -52.00 -7.84
CA ASN A 103 23.08 -52.20 -6.41
C ASN A 103 21.94 -51.42 -5.77
N LEU A 104 21.01 -52.14 -5.16
CA LEU A 104 19.88 -51.54 -4.46
C LEU A 104 20.48 -51.15 -3.13
N MSE A 105 20.43 -49.88 -2.77
CA MSE A 105 21.01 -49.41 -1.50
C MSE A 105 20.00 -48.99 -0.46
O MSE A 105 18.91 -48.53 -0.78
CB MSE A 105 21.90 -48.19 -1.75
CG MSE A 105 22.84 -48.35 -2.89
SE MSE A 105 24.10 -49.78 -2.57
CE MSE A 105 24.91 -49.04 -0.90
N LYS A 106 20.38 -49.15 0.79
CA LYS A 106 19.56 -48.76 1.91
C LYS A 106 20.46 -47.84 2.72
N VAL A 107 19.99 -46.62 2.96
CA VAL A 107 20.79 -45.63 3.69
C VAL A 107 20.18 -45.13 5.00
N ASP A 108 20.92 -45.23 6.08
CA ASP A 108 20.44 -44.78 7.38
C ASP A 108 20.42 -43.23 7.31
N LEU A 109 19.24 -42.63 7.50
CA LEU A 109 19.12 -41.18 7.43
C LEU A 109 19.80 -40.45 8.57
N GLU A 110 20.27 -41.22 9.55
CA GLU A 110 20.93 -40.67 10.72
C GLU A 110 22.43 -40.78 10.58
N THR A 111 22.94 -42.01 10.58
CA THR A 111 24.38 -42.25 10.46
C THR A 111 24.90 -42.07 9.04
N LEU A 112 23.99 -42.13 8.08
CA LEU A 112 24.33 -42.00 6.67
C LEU A 112 25.06 -43.23 6.18
N GLU A 113 25.03 -44.29 6.99
CA GLU A 113 25.66 -45.55 6.62
C GLU A 113 24.86 -46.17 5.48
N GLU A 114 25.54 -46.84 4.56
CA GLU A 114 24.88 -47.49 3.42
C GLU A 114 25.00 -49.02 3.44
N GLN A 115 23.97 -49.72 2.98
CA GLN A 115 23.95 -51.17 2.92
C GLN A 115 23.44 -51.64 1.56
N VAL A 116 24.20 -52.45 0.86
CA VAL A 116 23.72 -52.93 -0.43
C VAL A 116 22.82 -54.14 -0.12
N ILE A 117 21.53 -53.98 -0.36
CA ILE A 117 20.58 -55.03 -0.06
C ILE A 117 20.36 -56.02 -1.22
N TYR A 118 20.78 -55.67 -2.43
CA TYR A 118 20.63 -56.57 -3.56
C TYR A 118 21.44 -56.13 -4.76
N THR A 119 22.05 -57.08 -5.46
CA THR A 119 22.85 -56.72 -6.63
C THR A 119 22.44 -57.55 -7.84
N VAL A 120 21.77 -56.93 -8.79
CA VAL A 120 21.30 -57.63 -10.01
C VAL A 120 22.32 -58.62 -10.53
N ASP A 121 21.83 -59.78 -10.99
CA ASP A 121 22.72 -60.81 -11.51
C ASP A 121 23.16 -60.56 -12.94
N GLU A 122 24.39 -60.95 -13.24
CA GLU A 122 24.99 -60.79 -14.57
C GLU A 122 24.12 -61.22 -15.74
N GLU A 123 23.13 -62.08 -15.46
CA GLU A 123 22.21 -62.57 -16.49
C GLU A 123 21.07 -61.61 -16.81
N TRP A 124 20.75 -60.74 -15.86
CA TRP A 124 19.65 -59.81 -16.05
C TRP A 124 20.02 -58.33 -16.03
N LYS A 125 19.04 -57.51 -16.38
CA LYS A 125 19.22 -56.05 -16.43
C LYS A 125 18.05 -55.44 -15.67
N GLY A 126 18.35 -54.55 -14.74
CA GLY A 126 17.29 -53.91 -13.95
C GLY A 126 16.49 -52.95 -14.80
N TYR A 127 15.17 -52.96 -14.63
CA TYR A 127 14.28 -52.10 -15.40
C TYR A 127 13.10 -51.58 -14.56
N GLY A 128 12.87 -50.28 -14.63
CA GLY A 128 11.80 -49.68 -13.85
C GLY A 128 12.30 -49.18 -12.50
N THR A 129 11.38 -48.97 -11.58
CA THR A 129 11.68 -48.47 -10.23
C THR A 129 11.23 -49.43 -9.12
N TRP A 130 12.10 -49.70 -8.16
CA TRP A 130 11.76 -50.57 -7.04
C TRP A 130 10.68 -49.89 -6.18
N VAL A 131 9.66 -50.66 -5.80
CA VAL A 131 8.58 -50.15 -4.96
C VAL A 131 8.44 -51.01 -3.71
N ALA A 132 8.65 -50.42 -2.54
CA ALA A 132 8.54 -51.14 -1.27
C ALA A 132 7.10 -51.43 -0.87
N ASN A 133 6.93 -52.36 0.06
CA ASN A 133 5.60 -52.71 0.55
C ASN A 133 5.36 -51.81 1.74
N SER A 134 4.10 -51.66 2.15
CA SER A 134 3.81 -50.77 3.27
C SER A 134 4.65 -50.97 4.52
N ASP A 135 4.92 -52.23 4.88
CA ASP A 135 5.73 -52.50 6.07
C ASP A 135 7.20 -52.23 5.79
N CYS A 136 7.55 -52.09 4.51
CA CYS A 136 8.92 -51.79 4.13
C CYS A 136 9.88 -52.92 4.51
N THR A 137 9.49 -54.15 4.20
CA THR A 137 10.29 -55.32 4.52
C THR A 137 10.64 -56.07 3.24
N LYS A 138 9.90 -55.76 2.19
CA LYS A 138 10.08 -56.38 0.90
C LYS A 138 10.04 -55.34 -0.21
N LEU A 139 10.78 -55.59 -1.28
CA LEU A 139 10.83 -54.69 -2.43
C LEU A 139 10.45 -55.45 -3.67
N VAL A 140 9.65 -54.85 -4.55
CA VAL A 140 9.26 -55.51 -5.78
C VAL A 140 9.83 -54.73 -6.97
N GLY A 141 10.14 -55.43 -8.07
CA GLY A 141 10.69 -54.76 -9.24
C GLY A 141 10.74 -55.69 -10.44
N ILE A 142 11.15 -55.22 -11.62
CA ILE A 142 11.24 -56.14 -12.75
C ILE A 142 12.64 -56.10 -13.38
N GLU A 143 13.00 -57.14 -14.12
CA GLU A 143 14.30 -57.20 -14.78
C GLU A 143 14.10 -57.85 -16.13
N ILE A 144 14.98 -57.53 -17.06
CA ILE A 144 14.93 -58.02 -18.43
C ILE A 144 16.17 -58.84 -18.72
N LEU A 145 16.01 -60.00 -19.34
CA LEU A 145 17.17 -60.83 -19.64
C LEU A 145 18.17 -60.03 -20.50
N LYS A 146 19.40 -59.86 -20.02
CA LYS A 146 20.41 -59.11 -20.75
C LYS A 146 20.46 -59.36 -22.25
N ARG A 147 20.43 -60.63 -22.64
CA ARG A 147 20.47 -61.00 -24.05
C ARG A 147 19.32 -60.37 -24.85
N ASP A 148 18.16 -60.26 -24.22
CA ASP A 148 16.97 -59.69 -24.87
C ASP A 148 16.93 -58.17 -24.79
N TRP A 149 17.83 -57.57 -24.03
CA TRP A 149 17.83 -56.12 -23.87
C TRP A 149 18.27 -55.37 -25.12
N GLN A 150 17.61 -54.25 -25.37
CA GLN A 150 17.93 -53.41 -26.53
C GLN A 150 17.81 -51.95 -26.11
N PRO A 151 18.80 -51.13 -26.48
CA PRO A 151 18.78 -49.71 -26.12
C PRO A 151 17.66 -48.95 -26.83
N LEU A 152 16.66 -48.52 -26.07
CA LEU A 152 15.53 -47.79 -26.63
C LEU A 152 15.93 -46.35 -26.95
N THR A 153 16.56 -46.17 -28.11
CA THR A 153 17.01 -44.85 -28.56
C THR A 153 15.87 -43.97 -29.07
N SER A 154 15.14 -44.47 -30.07
CA SER A 154 14.03 -43.74 -30.67
C SER A 154 12.73 -44.54 -30.66
N TRP A 155 11.63 -43.90 -31.03
CA TRP A 155 10.34 -44.56 -31.07
C TRP A 155 10.36 -45.78 -31.99
N GLU A 156 11.17 -45.70 -33.05
CA GLU A 156 11.32 -46.81 -33.98
C GLU A 156 11.87 -48.01 -33.21
N LYS A 157 12.75 -47.75 -32.26
CA LYS A 157 13.34 -48.80 -31.44
C LYS A 157 12.41 -49.22 -30.31
N PHE A 158 11.45 -48.35 -29.98
CA PHE A 158 10.49 -48.64 -28.93
C PHE A 158 9.57 -49.78 -29.34
N ALA A 159 8.82 -49.58 -30.42
CA ALA A 159 7.90 -50.59 -30.92
C ALA A 159 8.70 -51.84 -31.29
N GLU A 160 9.89 -51.62 -31.85
CA GLU A 160 10.76 -52.72 -32.24
C GLU A 160 11.02 -53.69 -31.09
N PHE A 161 11.41 -53.14 -29.95
CA PHE A 161 11.69 -53.92 -28.75
C PHE A 161 10.45 -54.68 -28.28
N TYR A 162 9.30 -54.03 -28.39
CA TYR A 162 8.05 -54.64 -27.96
C TYR A 162 7.75 -55.93 -28.70
N HIS A 163 8.01 -55.91 -30.01
CA HIS A 163 7.77 -57.07 -30.85
C HIS A 163 8.79 -58.17 -30.64
N THR A 164 9.97 -57.82 -30.15
CA THR A 164 11.01 -58.82 -29.92
C THR A 164 10.63 -59.74 -28.76
N ASN A 165 9.45 -59.50 -28.19
CA ASN A 165 8.94 -60.28 -27.07
C ASN A 165 10.07 -60.71 -26.14
N PRO A 166 10.68 -59.75 -25.43
CA PRO A 166 11.77 -60.01 -24.51
C PRO A 166 11.28 -60.69 -23.24
N THR A 167 12.09 -61.58 -22.69
CA THR A 167 11.75 -62.29 -21.48
C THR A 167 12.07 -61.42 -20.27
N CYS A 168 11.02 -61.05 -19.54
CA CYS A 168 11.13 -60.22 -18.34
C CYS A 168 10.56 -60.94 -17.15
N ARG A 169 11.06 -60.61 -15.96
CA ARG A 169 10.56 -61.24 -14.76
C ARG A 169 10.26 -60.19 -13.70
N LEU A 170 9.18 -60.41 -12.97
CA LEU A 170 8.76 -59.54 -11.88
C LEU A 170 9.27 -60.20 -10.59
N ILE A 171 10.34 -59.67 -10.01
CA ILE A 171 10.92 -60.24 -8.79
C ILE A 171 10.56 -59.51 -7.51
N LYS A 172 10.81 -60.19 -6.40
CA LYS A 172 10.54 -59.66 -5.08
C LYS A 172 11.77 -59.96 -4.24
N VAL A 173 12.27 -58.94 -3.56
CA VAL A 173 13.46 -59.09 -2.73
C VAL A 173 13.12 -58.82 -1.27
N ASP A 174 13.79 -59.55 -0.39
CA ASP A 174 13.56 -59.39 1.04
C ASP A 174 14.66 -58.50 1.62
N ILE A 175 14.25 -57.37 2.20
CA ILE A 175 15.21 -56.42 2.77
C ILE A 175 16.12 -57.10 3.77
N GLU A 176 15.54 -57.91 4.65
CA GLU A 176 16.31 -58.62 5.68
C GLU A 176 17.25 -59.69 5.15
N THR A 177 16.72 -60.64 4.40
CA THR A 177 17.53 -61.74 3.86
C THR A 177 18.32 -61.36 2.62
N GLY A 178 17.70 -60.62 1.71
CA GLY A 178 18.37 -60.24 0.48
C GLY A 178 18.12 -61.25 -0.60
N GLU A 179 17.28 -62.24 -0.29
CA GLU A 179 16.93 -63.30 -1.23
C GLU A 179 15.86 -62.87 -2.21
N LEU A 180 16.04 -63.18 -3.49
CA LEU A 180 15.06 -62.81 -4.50
C LEU A 180 14.10 -63.96 -4.74
N GLU A 181 12.91 -63.64 -5.21
CA GLU A 181 11.90 -64.65 -5.47
C GLU A 181 11.09 -64.26 -6.69
N VAL A 182 11.29 -64.96 -7.80
CA VAL A 182 10.56 -64.64 -9.03
C VAL A 182 9.07 -64.94 -8.84
N ILE A 183 8.23 -63.90 -8.78
CA ILE A 183 6.80 -64.13 -8.60
C ILE A 183 6.03 -64.20 -9.91
N HIS A 184 6.71 -63.91 -11.01
CA HIS A 184 6.07 -63.95 -12.32
C HIS A 184 7.08 -63.70 -13.43
N GLN A 185 7.09 -64.55 -14.45
CA GLN A 185 8.01 -64.38 -15.56
C GLN A 185 7.19 -64.41 -16.84
N ASP A 186 7.78 -64.02 -17.95
CA ASP A 186 7.04 -64.01 -19.21
C ASP A 186 7.90 -63.52 -20.37
N THR A 187 7.58 -63.98 -21.57
CA THR A 187 8.33 -63.58 -22.76
C THR A 187 7.74 -62.33 -23.38
N ALA A 188 7.20 -61.47 -22.51
CA ALA A 188 6.61 -60.20 -22.92
C ALA A 188 7.28 -59.07 -22.16
N TRP A 189 7.22 -57.87 -22.71
CA TRP A 189 7.82 -56.71 -22.07
C TRP A 189 6.94 -56.25 -20.88
N LEU A 190 7.40 -56.52 -19.66
CA LEU A 190 6.67 -56.16 -18.45
C LEU A 190 7.21 -54.85 -17.88
N GLY A 191 6.48 -54.26 -16.93
CA GLY A 191 6.97 -53.03 -16.35
C GLY A 191 6.13 -52.49 -15.23
N HIS A 192 6.63 -51.39 -14.64
CA HIS A 192 5.99 -50.67 -13.55
C HIS A 192 5.36 -51.54 -12.46
N PRO A 193 6.19 -52.25 -11.70
CA PRO A 193 5.69 -53.11 -10.63
C PRO A 193 5.35 -52.27 -9.42
N ILE A 194 4.19 -52.52 -8.83
CA ILE A 194 3.76 -51.75 -7.68
C ILE A 194 2.97 -52.54 -6.67
N TYR A 195 3.50 -52.61 -5.46
CA TYR A 195 2.85 -53.30 -4.36
C TYR A 195 1.56 -52.56 -4.03
N ARG A 196 0.51 -53.30 -3.71
CA ARG A 196 -0.76 -52.70 -3.35
C ARG A 196 -0.50 -52.13 -1.96
N PRO A 197 -0.67 -50.81 -1.76
CA PRO A 197 -0.43 -50.17 -0.47
C PRO A 197 -0.48 -51.07 0.77
N PHE A 198 -1.61 -51.21 1.43
CA PHE A 198 -1.58 -52.06 2.62
C PHE A 198 -2.08 -53.47 2.38
N ASP A 199 -1.43 -54.16 1.46
CA ASP A 199 -1.81 -55.50 1.09
C ASP A 199 -0.72 -56.18 0.27
N ASP A 200 0.27 -56.76 0.95
CA ASP A 200 1.37 -57.44 0.27
C ASP A 200 0.89 -58.56 -0.63
N SER A 201 -0.37 -58.92 -0.49
CA SER A 201 -0.95 -59.97 -1.30
C SER A 201 -0.98 -59.64 -2.79
N THR A 202 -1.39 -58.41 -3.08
CA THR A 202 -1.54 -57.91 -4.45
C THR A 202 -0.35 -57.09 -4.96
N VAL A 203 0.04 -57.34 -6.21
CA VAL A 203 1.17 -56.64 -6.84
C VAL A 203 0.79 -56.28 -8.28
N GLY A 204 0.57 -55.00 -8.55
CA GLY A 204 0.22 -54.62 -9.91
C GLY A 204 1.41 -54.35 -10.80
N PHE A 205 1.34 -54.81 -12.05
CA PHE A 205 2.41 -54.61 -13.02
C PHE A 205 1.73 -54.35 -14.34
N CYS A 206 2.48 -54.33 -15.44
CA CYS A 206 1.85 -54.04 -16.72
C CYS A 206 2.70 -54.45 -17.89
N HIS A 207 2.09 -54.43 -19.08
CA HIS A 207 2.80 -54.75 -20.29
C HIS A 207 3.18 -53.42 -20.93
N GLU A 208 4.46 -53.25 -21.25
CA GLU A 208 4.93 -52.02 -21.88
C GLU A 208 4.74 -52.10 -23.37
N GLY A 209 4.99 -50.99 -24.05
CA GLY A 209 4.83 -50.96 -25.50
C GLY A 209 3.74 -49.99 -25.91
N PRO A 210 3.58 -49.73 -27.22
CA PRO A 210 2.53 -48.80 -27.67
C PRO A 210 1.15 -49.17 -27.16
N HIS A 211 0.41 -48.17 -26.69
CA HIS A 211 -0.91 -48.37 -26.15
C HIS A 211 -1.90 -48.90 -27.19
N ASP A 212 -1.45 -48.98 -28.45
CA ASP A 212 -2.29 -49.47 -29.52
C ASP A 212 -2.19 -50.98 -29.68
N LEU A 213 -1.07 -51.44 -30.19
CA LEU A 213 -0.86 -52.87 -30.39
C LEU A 213 -0.47 -53.60 -29.10
N VAL A 214 -1.24 -53.37 -28.05
CA VAL A 214 -0.98 -54.02 -26.76
C VAL A 214 -2.28 -54.53 -26.17
N ASP A 215 -2.30 -55.82 -25.80
CA ASP A 215 -3.49 -56.45 -25.22
C ASP A 215 -4.13 -55.66 -24.09
N ALA A 216 -3.32 -55.31 -23.09
CA ALA A 216 -3.76 -54.51 -21.94
C ALA A 216 -2.59 -54.33 -21.00
N ARG A 217 -2.55 -53.23 -20.27
CA ARG A 217 -1.46 -53.02 -19.34
C ARG A 217 -1.91 -53.12 -17.90
N MSE A 218 -3.19 -52.88 -17.65
CA MSE A 218 -3.73 -52.95 -16.31
C MSE A 218 -3.66 -54.38 -15.79
O MSE A 218 -4.63 -55.14 -15.90
CB MSE A 218 -5.20 -52.49 -16.30
CG MSE A 218 -5.47 -51.06 -16.82
SE MSE A 218 -4.88 -49.64 -15.60
CE MSE A 218 -3.12 -49.40 -16.38
N TRP A 219 -2.52 -54.79 -15.24
CA TRP A 219 -2.42 -56.14 -14.72
C TRP A 219 -2.26 -56.21 -13.21
N LEU A 220 -2.62 -57.37 -12.65
CA LEU A 220 -2.55 -57.64 -11.21
C LEU A 220 -2.16 -59.10 -11.00
N VAL A 221 -1.46 -59.40 -9.92
CA VAL A 221 -1.06 -60.76 -9.63
C VAL A 221 -0.72 -60.87 -8.14
N ASN A 222 -0.98 -62.02 -7.53
CA ASN A 222 -0.69 -62.16 -6.11
C ASN A 222 0.79 -62.37 -5.81
N GLU A 223 1.17 -62.11 -4.58
CA GLU A 223 2.57 -62.24 -4.22
C GLU A 223 3.10 -63.64 -4.44
N ASP A 224 2.25 -64.65 -4.22
CA ASP A 224 2.65 -66.04 -4.40
C ASP A 224 2.91 -66.37 -5.87
N GLY A 225 2.36 -65.56 -6.77
CA GLY A 225 2.57 -65.78 -8.19
C GLY A 225 1.35 -66.22 -8.98
N SER A 226 0.23 -66.40 -8.29
CA SER A 226 -0.99 -66.85 -8.94
C SER A 226 -2.04 -65.78 -9.10
N ASN A 227 -3.11 -66.15 -9.82
CA ASN A 227 -4.24 -65.28 -10.10
C ASN A 227 -3.87 -64.08 -10.96
N VAL A 228 -3.05 -64.30 -11.97
CA VAL A 228 -2.66 -63.24 -12.87
C VAL A 228 -3.92 -62.83 -13.65
N ARG A 229 -4.34 -61.58 -13.48
CA ARG A 229 -5.53 -61.10 -14.17
C ARG A 229 -5.44 -59.65 -14.60
N LYS A 230 -6.32 -59.25 -15.51
CA LYS A 230 -6.31 -57.88 -15.99
C LYS A 230 -7.34 -57.07 -15.21
N ILE A 231 -6.94 -55.88 -14.76
CA ILE A 231 -7.80 -54.98 -13.98
C ILE A 231 -9.13 -54.67 -14.67
N LYS A 232 -9.06 -54.38 -15.96
CA LYS A 232 -10.26 -54.03 -16.74
C LYS A 232 -10.31 -54.91 -17.96
N GLU A 233 -11.53 -55.16 -18.46
CA GLU A 233 -11.74 -55.98 -19.64
C GLU A 233 -11.19 -55.28 -20.89
N HIS A 234 -11.06 -53.96 -20.83
CA HIS A 234 -10.55 -53.17 -21.96
C HIS A 234 -11.53 -53.18 -23.14
N ALA A 235 -12.25 -52.08 -23.31
CA ALA A 235 -13.22 -51.95 -24.40
C ALA A 235 -12.48 -51.65 -25.71
N GLU A 236 -12.99 -52.19 -26.81
CA GLU A 236 -12.37 -51.98 -28.12
C GLU A 236 -12.24 -50.48 -28.43
N GLY A 237 -11.02 -50.00 -28.44
CA GLY A 237 -10.77 -48.59 -28.71
C GLY A 237 -10.35 -47.79 -27.49
N GLU A 238 -10.52 -48.36 -26.30
CA GLU A 238 -10.16 -47.69 -25.06
C GLU A 238 -8.72 -47.98 -24.64
N SER A 239 -7.96 -46.93 -24.36
CA SER A 239 -6.58 -47.10 -23.93
C SER A 239 -6.44 -46.63 -22.48
N CYS A 240 -5.73 -47.41 -21.66
CA CYS A 240 -5.55 -47.07 -20.26
C CYS A 240 -4.09 -46.77 -19.93
N THR A 241 -3.86 -45.79 -19.06
CA THR A 241 -2.50 -45.42 -18.71
C THR A 241 -2.44 -44.55 -17.47
N HIS A 242 -1.23 -44.25 -17.03
CA HIS A 242 -1.04 -43.41 -15.86
C HIS A 242 -1.54 -44.09 -14.59
N GLU A 243 -1.65 -45.40 -14.61
CA GLU A 243 -2.14 -46.14 -13.45
C GLU A 243 -1.26 -45.93 -12.20
N PHE A 244 -1.90 -45.92 -11.05
CA PHE A 244 -1.19 -45.75 -9.80
C PHE A 244 -2.09 -46.10 -8.61
N TRP A 245 -1.53 -46.77 -7.62
CA TRP A 245 -2.26 -47.14 -6.44
C TRP A 245 -2.55 -45.89 -5.64
N ILE A 246 -3.75 -45.79 -5.10
CA ILE A 246 -4.06 -44.64 -4.28
C ILE A 246 -3.39 -45.00 -2.95
N PRO A 247 -2.63 -44.06 -2.38
CA PRO A 247 -1.90 -44.24 -1.11
C PRO A 247 -2.53 -45.18 -0.06
N ASP A 248 -3.81 -44.99 0.26
CA ASP A 248 -4.45 -45.84 1.26
C ASP A 248 -4.75 -47.25 0.73
N GLY A 249 -4.51 -47.47 -0.56
CA GLY A 249 -4.75 -48.78 -1.15
C GLY A 249 -6.20 -49.05 -1.50
N SER A 250 -7.05 -48.03 -1.43
CA SER A 250 -8.47 -48.17 -1.70
C SER A 250 -8.78 -48.60 -3.12
N ALA A 251 -7.93 -48.22 -4.07
CA ALA A 251 -8.17 -48.60 -5.46
C ALA A 251 -7.01 -48.31 -6.39
N MSE A 252 -7.12 -48.76 -7.63
CA MSE A 252 -6.11 -48.52 -8.66
C MSE A 252 -6.66 -47.45 -9.58
O MSE A 252 -7.53 -47.74 -10.40
CB MSE A 252 -5.86 -49.80 -9.47
CG MSE A 252 -4.91 -49.65 -10.65
SE MSE A 252 -3.05 -49.42 -10.13
CE MSE A 252 -2.48 -51.28 -10.13
N ALA A 253 -6.17 -46.23 -9.46
CA ALA A 253 -6.64 -45.14 -10.31
C ALA A 253 -5.86 -45.08 -11.61
N TYR A 254 -6.57 -44.76 -12.70
CA TYR A 254 -5.93 -44.61 -14.00
C TYR A 254 -6.73 -43.70 -14.94
N VAL A 255 -6.20 -43.48 -16.13
CA VAL A 255 -6.83 -42.63 -17.12
C VAL A 255 -7.08 -43.39 -18.41
N SER A 256 -8.28 -43.25 -18.97
CA SER A 256 -8.60 -43.93 -20.21
C SER A 256 -9.05 -42.93 -21.27
N TYR A 257 -8.79 -43.29 -22.52
CA TYR A 257 -9.16 -42.45 -23.67
C TYR A 257 -9.81 -43.31 -24.74
N PHE A 258 -11.00 -42.88 -25.18
CA PHE A 258 -11.74 -43.60 -26.21
C PHE A 258 -11.59 -42.87 -27.55
N LYS A 259 -11.19 -43.60 -28.58
CA LYS A 259 -11.03 -43.01 -29.90
C LYS A 259 -12.38 -42.52 -30.42
N GLY A 260 -12.49 -41.21 -30.59
CA GLY A 260 -13.72 -40.64 -31.07
C GLY A 260 -14.58 -40.07 -29.95
N GLN A 261 -13.96 -39.83 -28.80
CA GLN A 261 -14.70 -39.26 -27.68
C GLN A 261 -14.02 -37.97 -27.25
N THR A 262 -12.83 -37.74 -27.81
CA THR A 262 -12.04 -36.54 -27.53
C THR A 262 -12.04 -36.10 -26.06
N ASP A 263 -12.25 -37.05 -25.14
CA ASP A 263 -12.25 -36.77 -23.70
C ASP A 263 -11.64 -37.88 -22.86
N ARG A 264 -10.70 -37.49 -22.01
CA ARG A 264 -10.02 -38.41 -21.13
C ARG A 264 -10.73 -38.43 -19.78
N VAL A 265 -10.96 -39.63 -19.24
CA VAL A 265 -11.63 -39.74 -17.96
C VAL A 265 -10.88 -40.61 -16.96
N ILE A 266 -10.82 -40.14 -15.72
CA ILE A 266 -10.14 -40.86 -14.65
C ILE A 266 -11.01 -42.02 -14.18
N TYR A 267 -10.38 -43.14 -13.83
CA TYR A 267 -11.10 -44.31 -13.40
C TYR A 267 -10.51 -44.90 -12.14
N LYS A 268 -11.34 -45.48 -11.30
CA LYS A 268 -10.89 -46.14 -10.07
C LYS A 268 -11.30 -47.60 -10.15
N ALA A 269 -10.34 -48.50 -9.97
CA ALA A 269 -10.60 -49.93 -10.02
C ALA A 269 -10.45 -50.56 -8.63
N ASN A 270 -11.43 -51.34 -8.20
CA ASN A 270 -11.39 -52.01 -6.90
C ASN A 270 -10.41 -53.19 -6.99
N PRO A 271 -9.33 -53.20 -6.20
CA PRO A 271 -8.33 -54.28 -6.22
C PRO A 271 -8.86 -55.68 -5.89
N GLU A 272 -9.91 -55.73 -5.07
CA GLU A 272 -10.53 -56.98 -4.66
C GLU A 272 -11.68 -57.40 -5.59
N THR A 273 -12.68 -56.54 -5.71
CA THR A 273 -13.84 -56.78 -6.55
C THR A 273 -13.53 -56.77 -8.05
N LEU A 274 -12.41 -56.13 -8.40
CA LEU A 274 -11.98 -56.00 -9.79
C LEU A 274 -13.05 -55.34 -10.65
N GLU A 275 -13.79 -54.41 -10.04
CA GLU A 275 -14.82 -53.71 -10.77
C GLU A 275 -14.41 -52.24 -10.93
N ASN A 276 -14.34 -51.78 -12.17
CA ASN A 276 -13.94 -50.40 -12.44
C ASN A 276 -15.13 -49.45 -12.47
N GLU A 277 -14.86 -48.18 -12.23
CA GLU A 277 -15.90 -47.17 -12.24
C GLU A 277 -15.33 -45.77 -12.49
N GLU A 278 -15.98 -45.03 -13.37
CA GLU A 278 -15.57 -43.67 -13.73
C GLU A 278 -15.67 -42.75 -12.52
N VAL A 279 -14.73 -41.81 -12.41
CA VAL A 279 -14.73 -40.85 -11.31
C VAL A 279 -14.95 -39.42 -11.80
N MSE A 280 -14.27 -39.04 -12.88
CA MSE A 280 -14.43 -37.69 -13.44
C MSE A 280 -13.61 -37.47 -14.71
O MSE A 280 -12.83 -38.33 -15.11
CB MSE A 280 -14.05 -36.63 -12.41
CG MSE A 280 -12.56 -36.36 -12.30
SE MSE A 280 -12.14 -34.80 -11.16
CE MSE A 280 -11.54 -35.76 -9.61
N VAL A 281 -13.80 -36.32 -15.33
CA VAL A 281 -13.08 -35.97 -16.54
C VAL A 281 -11.62 -35.74 -16.22
N MSE A 282 -10.81 -35.56 -17.24
CA MSE A 282 -9.38 -35.38 -17.05
C MSE A 282 -8.87 -34.21 -17.85
O MSE A 282 -8.83 -34.26 -19.08
CB MSE A 282 -8.64 -36.63 -17.50
CG MSE A 282 -7.80 -37.34 -16.44
SE MSE A 282 -6.11 -36.54 -16.04
CE MSE A 282 -5.09 -37.18 -17.57
N PRO A 283 -8.48 -33.13 -17.16
CA PRO A 283 -7.97 -31.96 -17.89
C PRO A 283 -6.68 -32.33 -18.63
N PRO A 284 -6.30 -31.56 -19.65
CA PRO A 284 -5.09 -31.83 -20.43
C PRO A 284 -3.84 -31.91 -19.55
N CYS A 285 -3.57 -33.09 -18.97
CA CYS A 285 -2.40 -33.26 -18.09
C CYS A 285 -1.57 -34.48 -18.39
N SER A 286 -0.27 -34.41 -18.10
CA SER A 286 0.64 -35.52 -18.34
C SER A 286 0.56 -36.57 -17.26
N HIS A 287 0.99 -36.21 -16.05
CA HIS A 287 0.98 -37.14 -14.94
C HIS A 287 -0.22 -36.88 -14.05
N LEU A 288 -0.54 -37.86 -13.21
CA LEU A 288 -1.66 -37.74 -12.29
C LEU A 288 -1.34 -38.45 -10.98
N MSE A 289 -1.53 -37.76 -9.86
CA MSE A 289 -1.27 -38.34 -8.56
C MSE A 289 -2.41 -37.95 -7.64
O MSE A 289 -3.01 -36.89 -7.81
CB MSE A 289 0.05 -37.83 -7.98
CG MSE A 289 0.38 -38.37 -6.58
SE MSE A 289 0.28 -40.31 -6.43
CE MSE A 289 0.86 -40.82 -8.17
N SER A 290 -2.71 -38.80 -6.67
CA SER A 290 -3.81 -38.48 -5.78
C SER A 290 -3.35 -38.20 -4.38
N ASN A 291 -4.35 -37.93 -3.56
CA ASN A 291 -4.21 -37.65 -2.15
C ASN A 291 -4.05 -39.01 -1.47
N PHE A 292 -4.05 -39.05 -0.15
CA PHE A 292 -3.92 -40.32 0.54
C PHE A 292 -5.16 -41.18 0.37
N ASP A 293 -6.33 -40.57 0.54
CA ASP A 293 -7.59 -41.26 0.43
C ASP A 293 -8.17 -41.18 -0.99
N GLY A 294 -7.53 -40.40 -1.85
CA GLY A 294 -7.99 -40.24 -3.21
C GLY A 294 -9.09 -39.21 -3.38
N SER A 295 -9.28 -38.38 -2.34
CA SER A 295 -10.28 -37.32 -2.37
C SER A 295 -9.77 -36.11 -3.16
N LEU A 296 -8.46 -35.99 -3.26
CA LEU A 296 -7.82 -34.90 -3.99
C LEU A 296 -6.86 -35.48 -5.03
N MSE A 297 -6.68 -34.76 -6.12
CA MSE A 297 -5.76 -35.21 -7.15
C MSE A 297 -5.06 -34.02 -7.76
O MSE A 297 -5.61 -32.92 -7.81
CB MSE A 297 -6.48 -36.00 -8.24
CG MSE A 297 -6.89 -37.41 -7.79
SE MSE A 297 -7.37 -38.64 -9.25
CE MSE A 297 -7.71 -40.24 -8.25
N VAL A 298 -3.84 -34.23 -8.23
CA VAL A 298 -3.09 -33.16 -8.84
C VAL A 298 -2.64 -33.57 -10.23
N GLY A 299 -2.62 -32.60 -11.14
CA GLY A 299 -2.21 -32.88 -12.51
C GLY A 299 -1.22 -31.94 -13.17
N ASP A 300 -0.56 -32.46 -14.19
CA ASP A 300 0.45 -31.72 -14.94
C ASP A 300 -0.02 -31.13 -16.25
N GLY A 301 -0.34 -29.84 -16.28
CA GLY A 301 -0.76 -29.23 -17.52
C GLY A 301 0.35 -29.30 -18.56
N CYS A 302 0.01 -29.66 -19.79
CA CYS A 302 1.03 -29.76 -20.83
C CYS A 302 0.51 -29.29 -22.19
N ASP A 303 1.21 -29.73 -23.26
CA ASP A 303 0.85 -29.36 -24.62
C ASP A 303 -0.12 -30.38 -25.21
N ALA A 304 -1.10 -29.89 -25.96
CA ALA A 304 -2.09 -30.79 -26.56
C ALA A 304 -1.45 -31.76 -27.55
N ASN A 315 -2.92 -23.52 -33.73
CA ASN A 315 -3.08 -22.20 -33.10
C ASN A 315 -3.58 -22.29 -31.65
N ILE A 316 -3.59 -23.49 -31.09
CA ILE A 316 -4.03 -23.67 -29.71
C ILE A 316 -3.11 -22.96 -28.72
N GLU A 317 -2.75 -23.62 -27.63
CA GLU A 317 -1.89 -23.02 -26.61
C GLU A 317 -1.43 -24.04 -25.55
N ASN A 318 -0.14 -24.06 -25.26
CA ASN A 318 0.40 -24.97 -24.26
C ASN A 318 -0.08 -24.58 -22.87
N ASP A 319 -0.56 -25.57 -22.12
CA ASP A 319 -1.07 -25.34 -20.76
C ASP A 319 0.02 -25.49 -19.71
N PRO A 320 0.44 -24.38 -19.10
CA PRO A 320 1.49 -24.46 -18.08
C PRO A 320 0.93 -24.51 -16.65
N PHE A 321 -0.32 -24.94 -16.50
CA PHE A 321 -0.91 -24.97 -15.16
C PHE A 321 -0.96 -26.31 -14.44
N LEU A 322 -0.94 -26.23 -13.11
CA LEU A 322 -1.04 -27.41 -12.26
C LEU A 322 -2.51 -27.48 -11.87
N TYR A 323 -3.07 -28.68 -11.86
CA TYR A 323 -4.47 -28.81 -11.51
C TYR A 323 -4.74 -29.55 -10.22
N VAL A 324 -5.71 -29.06 -9.46
CA VAL A 324 -6.08 -29.73 -8.23
C VAL A 324 -7.54 -30.17 -8.37
N LEU A 325 -7.70 -31.44 -8.75
CA LEU A 325 -9.03 -32.02 -8.93
C LEU A 325 -9.65 -32.40 -7.60
N ASN A 326 -10.96 -32.23 -7.53
CA ASN A 326 -11.72 -32.58 -6.34
C ASN A 326 -12.57 -33.80 -6.69
N THR A 327 -12.11 -34.99 -6.31
CA THR A 327 -12.81 -36.25 -6.59
C THR A 327 -14.32 -36.22 -6.31
N LYS A 328 -14.69 -35.91 -5.07
CA LYS A 328 -16.09 -35.86 -4.68
C LYS A 328 -16.88 -34.86 -5.51
N ALA A 329 -16.51 -33.59 -5.44
CA ALA A 329 -17.19 -32.53 -6.21
C ALA A 329 -17.02 -32.72 -7.71
N LYS A 330 -16.14 -33.63 -8.09
CA LYS A 330 -15.87 -33.91 -9.50
C LYS A 330 -15.60 -32.59 -10.22
N SER A 331 -14.54 -31.91 -9.81
CA SER A 331 -14.20 -30.63 -10.41
C SER A 331 -12.71 -30.34 -10.37
N ALA A 332 -12.15 -29.97 -11.52
CA ALA A 332 -10.74 -29.65 -11.64
C ALA A 332 -10.58 -28.14 -11.50
N GLN A 333 -9.48 -27.70 -10.91
CA GLN A 333 -9.27 -26.27 -10.75
C GLN A 333 -7.78 -25.93 -10.87
N LYS A 334 -7.47 -24.80 -11.50
CA LYS A 334 -6.08 -24.40 -11.67
C LYS A 334 -5.52 -23.93 -10.34
N LEU A 335 -4.44 -24.57 -9.86
CA LEU A 335 -3.82 -24.21 -8.58
C LEU A 335 -2.93 -23.00 -8.78
N CYS A 336 -1.84 -23.23 -9.50
CA CYS A 336 -0.90 -22.17 -9.78
C CYS A 336 -0.34 -22.55 -11.12
N LYS A 337 0.81 -21.99 -11.43
CA LYS A 337 1.43 -22.24 -12.71
C LYS A 337 2.83 -22.81 -12.52
N HIS A 338 3.16 -23.87 -13.26
CA HIS A 338 4.50 -24.46 -13.17
C HIS A 338 5.39 -23.98 -14.30
N SER A 339 4.77 -23.63 -15.42
CA SER A 339 5.50 -23.12 -16.59
C SER A 339 6.83 -23.81 -16.82
N THR A 340 6.79 -25.10 -17.12
CA THR A 340 8.03 -25.82 -17.35
C THR A 340 8.26 -26.02 -18.84
N SER A 341 9.53 -26.01 -19.24
CA SER A 341 9.93 -26.22 -20.63
C SER A 341 10.24 -27.70 -20.69
N TRP A 342 9.30 -28.51 -21.13
CA TRP A 342 9.53 -29.95 -21.17
C TRP A 342 10.76 -30.41 -21.95
N ASP A 343 11.83 -29.62 -21.89
CA ASP A 343 13.08 -29.93 -22.59
C ASP A 343 13.80 -31.13 -21.99
N VAL A 344 14.68 -31.73 -22.77
CA VAL A 344 15.44 -32.87 -22.30
C VAL A 344 16.86 -32.42 -21.99
N LEU A 345 17.22 -32.43 -20.72
CA LEU A 345 18.54 -32.03 -20.31
C LEU A 345 19.51 -33.21 -20.31
N ASP A 346 20.56 -33.11 -21.13
CA ASP A 346 21.57 -34.16 -21.23
C ASP A 346 20.94 -35.53 -21.38
N GLY A 347 19.99 -35.64 -22.29
CA GLY A 347 19.34 -36.92 -22.53
C GLY A 347 18.34 -37.29 -21.46
N ASP A 348 18.35 -36.57 -20.33
CA ASP A 348 17.41 -36.85 -19.25
C ASP A 348 16.09 -36.15 -19.54
N ARG A 349 15.04 -36.91 -19.78
CA ARG A 349 13.75 -36.31 -20.10
C ARG A 349 12.86 -36.07 -18.89
N GLN A 350 13.18 -36.72 -17.78
CA GLN A 350 12.35 -36.59 -16.59
C GLN A 350 12.66 -35.43 -15.64
N ILE A 351 13.91 -34.99 -15.54
CA ILE A 351 14.22 -33.89 -14.60
C ILE A 351 13.32 -32.70 -14.76
N THR A 352 12.92 -32.49 -16.00
CA THR A 352 12.09 -31.35 -16.37
C THR A 352 10.61 -31.54 -16.03
N HIS A 353 10.20 -32.77 -15.71
CA HIS A 353 8.81 -33.03 -15.38
C HIS A 353 8.42 -32.49 -13.99
N PRO A 354 7.27 -31.83 -13.89
CA PRO A 354 6.81 -31.29 -12.61
C PRO A 354 6.59 -32.38 -11.56
N HIS A 355 5.98 -33.49 -11.98
CA HIS A 355 5.68 -34.63 -11.08
C HIS A 355 5.02 -34.15 -9.79
N PRO A 356 3.92 -33.44 -9.92
CA PRO A 356 3.20 -32.93 -8.74
C PRO A 356 2.80 -34.02 -7.77
N SER A 357 2.91 -33.72 -6.49
CA SER A 357 2.59 -34.65 -5.44
C SER A 357 2.09 -33.83 -4.26
N PHE A 358 1.15 -34.38 -3.51
CA PHE A 358 0.62 -33.64 -2.36
C PHE A 358 1.55 -33.73 -1.16
N THR A 359 1.51 -32.72 -0.31
CA THR A 359 2.33 -32.70 0.89
C THR A 359 1.61 -33.64 1.85
N PRO A 360 2.31 -34.20 2.86
CA PRO A 360 1.68 -35.11 3.82
C PRO A 360 0.37 -34.66 4.49
N ASN A 361 0.03 -33.38 4.41
CA ASN A 361 -1.21 -32.93 5.04
C ASN A 361 -2.06 -32.14 4.06
N ASP A 362 -1.68 -32.17 2.78
CA ASP A 362 -2.42 -31.49 1.73
C ASP A 362 -2.40 -29.96 1.74
N ASP A 363 -1.47 -29.36 2.46
CA ASP A 363 -1.45 -27.92 2.47
C ASP A 363 -0.62 -27.40 1.28
N GLY A 364 0.06 -28.30 0.59
CA GLY A 364 0.86 -27.88 -0.54
C GLY A 364 1.11 -28.95 -1.58
N VAL A 365 1.67 -28.55 -2.70
CA VAL A 365 1.99 -29.44 -3.79
C VAL A 365 3.45 -29.19 -4.16
N LEU A 366 4.24 -30.26 -4.12
CA LEU A 366 5.66 -30.23 -4.43
C LEU A 366 5.78 -30.57 -5.89
N PHE A 367 6.69 -29.90 -6.59
CA PHE A 367 6.90 -30.16 -8.02
C PHE A 367 8.18 -29.53 -8.52
N THR A 368 8.64 -29.97 -9.68
CA THR A 368 9.87 -29.44 -10.28
C THR A 368 9.55 -28.50 -11.42
N SER A 369 10.43 -27.54 -11.68
CA SER A 369 10.25 -26.64 -12.81
C SER A 369 11.55 -25.94 -13.16
N ASP A 370 11.72 -25.59 -14.44
CA ASP A 370 12.93 -24.89 -14.82
C ASP A 370 12.61 -23.53 -15.44
N PHE A 371 11.47 -22.97 -15.07
CA PHE A 371 11.08 -21.69 -15.65
C PHE A 371 12.01 -20.55 -15.27
N GLU A 372 12.65 -20.66 -14.11
CA GLU A 372 13.58 -19.64 -13.68
C GLU A 372 14.95 -19.89 -14.30
N GLY A 373 15.00 -20.77 -15.28
CA GLY A 373 16.26 -21.05 -15.94
C GLY A 373 16.82 -22.45 -15.81
N VAL A 374 16.81 -22.97 -14.60
CA VAL A 374 17.31 -24.32 -14.41
C VAL A 374 16.32 -25.07 -13.54
N PRO A 375 16.26 -26.41 -13.70
CA PRO A 375 15.32 -27.17 -12.89
C PRO A 375 15.53 -26.95 -11.40
N ALA A 376 14.43 -26.66 -10.71
CA ALA A 376 14.42 -26.39 -9.28
C ALA A 376 13.13 -26.93 -8.66
N ILE A 377 13.10 -26.98 -7.33
CA ILE A 377 11.97 -27.53 -6.60
C ILE A 377 11.11 -26.46 -5.94
N TYR A 378 9.79 -26.56 -6.15
CA TYR A 378 8.84 -25.60 -5.57
C TYR A 378 7.77 -26.32 -4.80
N ILE A 379 7.09 -25.60 -3.93
CA ILE A 379 5.97 -26.16 -3.18
C ILE A 379 4.90 -25.09 -3.28
N ALA A 380 3.80 -25.41 -3.96
CA ALA A 380 2.70 -24.47 -4.10
C ALA A 380 1.68 -24.70 -2.99
N ASP A 381 1.29 -23.61 -2.32
CA ASP A 381 0.30 -23.70 -1.25
C ASP A 381 -1.01 -24.17 -1.87
N VAL A 382 -1.88 -24.73 -1.04
CA VAL A 382 -3.18 -25.19 -1.54
C VAL A 382 -4.28 -24.75 -0.59
N PRO A 383 -4.83 -23.55 -0.82
CA PRO A 383 -5.90 -23.00 0.01
C PRO A 383 -7.08 -23.95 0.18
N GLU A 384 -7.89 -23.72 1.21
CA GLU A 384 -9.03 -24.57 1.48
C GLU A 384 -10.04 -24.60 0.34
N SER A 385 -10.10 -23.52 -0.42
CA SER A 385 -11.02 -23.46 -1.55
C SER A 385 -10.41 -24.23 -2.74
N TYR A 386 -9.22 -24.80 -2.51
CA TYR A 386 -8.47 -25.54 -3.52
C TYR A 386 -8.21 -24.66 -4.75
N LYS A 387 -7.88 -23.38 -4.52
CA LYS A 387 -7.66 -22.46 -5.62
C LYS A 387 -6.62 -22.94 -6.64
N ALA B 2 0.02 5.35 -7.60
CA ALA B 2 -1.30 5.99 -7.25
C ALA B 2 -2.00 5.29 -6.09
N LYS B 3 -2.49 6.09 -5.17
CA LYS B 3 -3.20 5.60 -4.01
C LYS B 3 -4.21 4.52 -4.40
N GLY B 4 -4.10 3.35 -3.77
CA GLY B 4 -5.01 2.27 -4.09
C GLY B 4 -4.37 1.12 -4.83
N ASP B 5 -3.31 1.39 -5.59
CA ASP B 5 -2.63 0.34 -6.33
C ASP B 5 -2.16 -0.79 -5.42
N VAL B 6 -1.92 -1.94 -6.02
CA VAL B 6 -1.49 -3.11 -5.28
C VAL B 6 -0.19 -3.64 -5.85
N ILE B 7 0.67 -4.14 -4.99
CA ILE B 7 1.93 -4.70 -5.45
C ILE B 7 2.15 -6.05 -4.80
N THR B 8 2.54 -7.03 -5.61
CA THR B 8 2.79 -8.35 -5.10
C THR B 8 4.28 -8.51 -4.80
N LEU B 9 4.59 -8.85 -3.55
CA LEU B 9 5.98 -9.00 -3.12
C LEU B 9 6.43 -10.47 -2.98
N ASN B 10 7.74 -10.67 -2.91
CA ASN B 10 8.34 -12.00 -2.76
C ASN B 10 9.02 -12.06 -1.40
N PHE B 11 8.68 -13.04 -0.59
CA PHE B 11 9.31 -13.16 0.72
C PHE B 11 10.44 -14.17 0.65
N GLU B 12 11.65 -13.73 0.92
CA GLU B 12 12.81 -14.62 0.88
C GLU B 12 13.33 -14.82 2.28
N THR B 13 13.41 -16.07 2.72
CA THR B 13 13.89 -16.35 4.06
C THR B 13 15.29 -16.95 4.03
N PHE B 14 16.17 -16.47 4.90
CA PHE B 14 17.54 -16.99 5.00
C PHE B 14 17.93 -17.25 6.43
N VAL B 15 19.00 -18.01 6.62
CA VAL B 15 19.46 -18.33 7.97
C VAL B 15 20.70 -17.53 8.32
N ASP B 16 20.67 -16.90 9.49
CA ASP B 16 21.80 -16.11 9.94
C ASP B 16 22.99 -17.03 10.16
N SER B 17 24.13 -16.68 9.56
CA SER B 17 25.35 -17.48 9.66
C SER B 17 25.95 -17.65 11.06
N ASP B 18 25.59 -16.75 11.99
CA ASP B 18 26.13 -16.83 13.35
C ASP B 18 25.17 -17.35 14.42
N THR B 19 23.87 -17.24 14.20
CA THR B 19 22.91 -17.70 15.20
C THR B 19 21.94 -18.77 14.68
N GLN B 20 21.99 -19.02 13.37
CA GLN B 20 21.14 -19.99 12.70
C GLN B 20 19.68 -19.54 12.71
N VAL B 21 19.39 -18.42 13.35
CA VAL B 21 18.02 -17.91 13.43
C VAL B 21 17.50 -17.54 12.04
N LYS B 22 16.24 -17.85 11.79
CA LYS B 22 15.63 -17.54 10.49
C LYS B 22 15.25 -16.08 10.38
N VAL B 23 15.55 -15.50 9.22
CA VAL B 23 15.25 -14.11 8.93
C VAL B 23 14.63 -14.02 7.55
N THR B 24 13.52 -13.33 7.44
CA THR B 24 12.86 -13.21 6.16
C THR B 24 12.70 -11.74 5.71
N ARG B 25 13.05 -11.49 4.45
CA ARG B 25 12.99 -10.16 3.85
C ARG B 25 11.63 -9.95 3.20
N LEU B 26 10.94 -8.88 3.58
CA LEU B 26 9.59 -8.60 3.05
C LEU B 26 9.58 -7.75 1.77
N THR B 27 10.47 -6.79 1.69
CA THR B 27 10.52 -5.89 0.54
C THR B 27 11.63 -6.22 -0.45
N PRO B 28 11.48 -5.76 -1.71
CA PRO B 28 12.47 -6.01 -2.77
C PRO B 28 13.85 -5.45 -2.40
N THR B 29 14.88 -6.06 -2.95
CA THR B 29 16.23 -5.64 -2.66
C THR B 29 16.66 -4.46 -3.54
N ASP B 30 15.83 -4.12 -4.53
CA ASP B 30 16.11 -3.01 -5.45
C ASP B 30 15.31 -1.71 -5.21
N ILE B 31 14.42 -1.68 -4.23
CA ILE B 31 13.67 -0.45 -3.96
C ILE B 31 13.74 -0.11 -2.47
N ILE B 32 13.91 1.17 -2.16
CA ILE B 32 14.02 1.63 -0.78
C ILE B 32 12.73 1.46 0.04
N CYS B 33 12.86 0.83 1.20
CA CYS B 33 11.73 0.61 2.10
C CYS B 33 12.18 0.65 3.54
N HIS B 34 11.31 1.10 4.44
CA HIS B 34 11.68 1.11 5.85
C HIS B 34 10.44 1.10 6.71
N ARG B 35 10.62 0.63 7.94
CA ARG B 35 9.55 0.55 8.91
C ARG B 35 9.43 1.89 9.62
N ASN B 36 8.30 2.11 10.30
CA ASN B 36 8.07 3.35 11.03
C ASN B 36 8.85 3.32 12.32
N TYR B 37 8.68 4.34 13.16
CA TYR B 37 9.37 4.34 14.43
C TYR B 37 8.85 3.19 15.28
N PHE B 38 9.78 2.51 15.96
CA PHE B 38 9.50 1.35 16.81
C PHE B 38 8.43 1.49 17.89
N TYR B 39 8.18 2.70 18.39
CA TYR B 39 7.18 2.85 19.41
C TYR B 39 5.78 3.07 18.83
N GLN B 40 5.72 3.31 17.53
CA GLN B 40 4.44 3.52 16.86
C GLN B 40 3.90 2.18 16.39
N LYS B 41 2.57 2.04 16.43
CA LYS B 41 1.94 0.78 16.03
C LYS B 41 1.95 0.62 14.52
N CYS B 42 2.44 -0.51 14.05
CA CYS B 42 2.50 -0.77 12.61
C CYS B 42 1.98 -2.15 12.25
N PHE B 43 1.65 -2.93 13.28
CA PHE B 43 1.14 -4.29 13.12
C PHE B 43 -0.29 -4.36 13.64
N THR B 44 -1.15 -5.12 12.97
CA THR B 44 -2.51 -5.27 13.46
C THR B 44 -2.44 -6.41 14.48
N GLN B 45 -3.37 -6.43 15.44
CA GLN B 45 -3.36 -7.47 16.48
C GLN B 45 -3.19 -8.90 15.98
N ASP B 46 -3.88 -9.25 14.90
CA ASP B 46 -3.77 -10.58 14.34
C ASP B 46 -2.41 -10.87 13.72
N GLY B 47 -1.60 -9.82 13.52
CA GLY B 47 -0.28 -9.96 12.94
C GLY B 47 -0.30 -10.31 11.46
N LYS B 48 -1.36 -9.89 10.77
CA LYS B 48 -1.52 -10.18 9.35
C LYS B 48 -1.28 -8.99 8.42
N LYS B 49 -1.43 -7.79 8.97
CA LYS B 49 -1.26 -6.57 8.22
C LYS B 49 -0.12 -5.76 8.79
N LEU B 50 0.69 -5.15 7.93
CA LEU B 50 1.82 -4.34 8.39
C LEU B 50 1.87 -3.00 7.67
N LEU B 51 2.14 -1.94 8.42
CA LEU B 51 2.23 -0.60 7.84
C LEU B 51 3.72 -0.31 7.64
N PHE B 52 4.08 0.23 6.48
CA PHE B 52 5.49 0.56 6.18
C PHE B 52 5.59 1.56 5.03
N ALA B 53 6.80 1.99 4.69
CA ALA B 53 6.99 2.95 3.60
C ALA B 53 7.95 2.45 2.54
N GLY B 54 7.77 2.92 1.32
CA GLY B 54 8.61 2.49 0.22
C GLY B 54 8.49 3.41 -0.97
N ASP B 55 9.40 3.29 -1.94
CA ASP B 55 9.40 4.16 -3.11
C ASP B 55 8.81 3.54 -4.38
N PHE B 56 7.97 2.52 -4.23
CA PHE B 56 7.38 1.87 -5.39
C PHE B 56 6.79 2.87 -6.38
N ASP B 57 6.16 3.91 -5.86
CA ASP B 57 5.52 4.91 -6.71
C ASP B 57 6.37 6.17 -6.92
N GLY B 58 7.69 6.00 -6.90
CA GLY B 58 8.58 7.12 -7.13
C GLY B 58 8.61 8.14 -6.00
N ASN B 59 7.88 7.85 -4.94
CA ASN B 59 7.85 8.74 -3.79
C ASN B 59 7.83 7.90 -2.55
N ARG B 60 8.39 8.44 -1.47
CA ARG B 60 8.41 7.76 -0.20
C ARG B 60 6.96 7.87 0.31
N ASN B 61 6.16 6.80 0.15
CA ASN B 61 4.76 6.75 0.58
C ASN B 61 4.47 5.58 1.55
N TYR B 62 3.25 5.54 2.09
CA TYR B 62 2.84 4.47 3.01
C TYR B 62 2.15 3.30 2.32
N TYR B 63 2.44 2.09 2.78
CA TYR B 63 1.82 0.90 2.21
C TYR B 63 1.29 0.05 3.36
N LEU B 64 0.36 -0.84 3.04
CA LEU B 64 -0.17 -1.77 4.03
C LEU B 64 0.13 -3.12 3.42
N LEU B 65 0.99 -3.88 4.07
CA LEU B 65 1.37 -5.20 3.58
C LEU B 65 0.54 -6.28 4.26
N ASN B 66 0.08 -7.24 3.46
CA ASN B 66 -0.72 -8.35 3.93
C ASN B 66 0.27 -9.49 4.05
N LEU B 67 0.72 -9.77 5.27
CA LEU B 67 1.69 -10.82 5.50
C LEU B 67 1.30 -12.18 4.92
N GLU B 68 0.00 -12.48 4.86
CA GLU B 68 -0.41 -13.79 4.34
C GLU B 68 -0.81 -13.82 2.87
N THR B 69 -0.70 -12.68 2.20
CA THR B 69 -1.07 -12.60 0.79
C THR B 69 0.12 -12.09 0.00
N GLN B 70 1.04 -11.48 0.75
CA GLN B 70 2.24 -10.91 0.17
C GLN B 70 1.91 -9.77 -0.78
N GLN B 71 0.72 -9.18 -0.60
CA GLN B 71 0.30 -8.06 -1.43
C GLN B 71 0.21 -6.80 -0.59
N ALA B 72 0.69 -5.69 -1.14
CA ALA B 72 0.70 -4.42 -0.44
C ALA B 72 -0.06 -3.38 -1.21
N VAL B 73 -0.90 -2.63 -0.51
CA VAL B 73 -1.67 -1.59 -1.17
C VAL B 73 -1.10 -0.22 -0.83
N GLN B 74 -1.09 0.68 -1.81
CA GLN B 74 -0.56 2.02 -1.60
C GLN B 74 -1.59 2.81 -0.82
N LEU B 75 -1.19 3.29 0.36
CA LEU B 75 -2.05 4.05 1.25
C LEU B 75 -2.08 5.53 0.92
N THR B 76 -0.91 6.10 0.66
CA THR B 76 -0.80 7.52 0.35
C THR B 76 -0.01 7.74 -0.93
N GLU B 77 -0.22 8.90 -1.56
CA GLU B 77 0.46 9.24 -2.80
C GLU B 77 0.99 10.66 -2.77
N GLY B 78 1.82 11.00 -3.75
CA GLY B 78 2.40 12.32 -3.82
C GLY B 78 3.60 12.45 -2.88
N LYS B 79 4.17 13.64 -2.80
CA LYS B 79 5.30 13.84 -1.92
C LYS B 79 4.93 14.56 -0.64
N GLY B 80 5.85 14.53 0.32
CA GLY B 80 5.62 15.22 1.57
C GLY B 80 5.24 14.39 2.77
N ASP B 81 5.24 13.06 2.63
CA ASP B 81 4.86 12.22 3.76
C ASP B 81 5.99 12.04 4.75
N ASN B 82 5.65 12.08 6.02
CA ASN B 82 6.62 11.83 7.07
C ASN B 82 6.41 10.33 7.21
N THR B 83 7.34 9.55 6.68
CA THR B 83 7.16 8.12 6.71
C THR B 83 7.55 7.41 7.98
N PHE B 84 7.94 8.17 9.01
CA PHE B 84 8.36 7.53 10.25
C PHE B 84 7.34 7.58 11.37
N GLY B 85 6.68 8.72 11.52
CA GLY B 85 5.71 8.88 12.58
C GLY B 85 4.40 8.14 12.40
N GLY B 86 4.11 7.69 11.18
CA GLY B 86 2.85 6.99 10.94
C GLY B 86 2.52 5.85 11.88
N PHE B 87 1.24 5.60 12.08
CA PHE B 87 0.82 4.51 12.95
C PHE B 87 -0.63 4.08 12.70
N ILE B 88 -0.93 2.83 13.03
CA ILE B 88 -2.28 2.29 12.86
C ILE B 88 -3.13 2.58 14.10
N SER B 89 -4.42 2.83 13.89
CA SER B 89 -5.37 3.12 14.97
C SER B 89 -5.60 1.89 15.83
N THR B 90 -6.21 2.09 16.99
CA THR B 90 -6.48 0.97 17.90
C THR B 90 -7.52 0.03 17.29
N ASP B 91 -8.55 0.62 16.66
CA ASP B 91 -9.61 -0.13 16.02
C ASP B 91 -9.12 -0.73 14.71
N GLU B 92 -7.90 -0.36 14.33
CA GLU B 92 -7.29 -0.86 13.12
C GLU B 92 -8.11 -0.57 11.87
N ARG B 93 -8.87 0.51 11.89
CA ARG B 93 -9.67 0.85 10.72
C ARG B 93 -9.07 2.07 10.01
N ALA B 94 -7.93 2.54 10.51
CA ALA B 94 -7.28 3.67 9.92
C ALA B 94 -5.86 3.86 10.46
N PHE B 95 -5.08 4.71 9.80
CA PHE B 95 -3.74 5.00 10.29
C PHE B 95 -3.58 6.50 10.15
N PHE B 96 -2.66 7.08 10.93
CA PHE B 96 -2.43 8.53 10.90
C PHE B 96 -0.99 8.84 10.49
N TYR B 97 -0.83 9.98 9.82
CA TYR B 97 0.49 10.42 9.42
C TYR B 97 0.46 11.90 9.14
N VAL B 98 1.64 12.52 9.08
CA VAL B 98 1.72 13.95 8.81
C VAL B 98 2.29 14.18 7.41
N LYS B 99 1.64 15.08 6.69
CA LYS B 99 2.07 15.40 5.34
C LYS B 99 2.47 16.86 5.24
N ASN B 100 3.59 17.11 4.57
CA ASN B 100 4.08 18.46 4.36
C ASN B 100 4.35 19.19 5.66
N GLU B 101 4.53 18.41 6.71
CA GLU B 101 4.79 18.97 8.02
C GLU B 101 3.75 20.01 8.39
N LEU B 102 2.56 19.93 7.79
CA LEU B 102 1.54 20.90 8.09
C LEU B 102 0.23 20.31 8.53
N ASN B 103 -0.18 19.25 7.84
CA ASN B 103 -1.46 18.60 8.08
C ASN B 103 -1.41 17.19 8.68
N LEU B 104 -2.06 17.01 9.81
CA LEU B 104 -2.14 15.70 10.46
C LEU B 104 -3.25 14.99 9.69
N MSE B 105 -2.96 13.84 9.10
CA MSE B 105 -3.96 13.12 8.32
C MSE B 105 -4.44 11.85 8.95
O MSE B 105 -3.70 11.18 9.69
CB MSE B 105 -3.40 12.73 6.96
CG MSE B 105 -2.67 13.83 6.26
SE MSE B 105 -3.89 15.25 5.81
CE MSE B 105 -5.16 14.21 4.72
N LYS B 106 -5.68 11.51 8.65
CA LYS B 106 -6.31 10.28 9.13
C LYS B 106 -6.77 9.59 7.86
N VAL B 107 -6.30 8.37 7.65
CA VAL B 107 -6.65 7.60 6.45
C VAL B 107 -7.41 6.31 6.73
N ASP B 108 -8.56 6.15 6.08
CA ASP B 108 -9.37 4.92 6.23
C ASP B 108 -8.60 3.80 5.50
N LEU B 109 -8.23 2.75 6.22
CA LEU B 109 -7.48 1.65 5.62
C LEU B 109 -8.28 0.83 4.62
N GLU B 110 -9.57 1.11 4.55
CA GLU B 110 -10.47 0.41 3.64
C GLU B 110 -10.71 1.23 2.39
N THR B 111 -11.40 2.35 2.55
CA THR B 111 -11.72 3.20 1.42
C THR B 111 -10.51 4.00 0.92
N LEU B 112 -9.52 4.16 1.79
CA LEU B 112 -8.32 4.93 1.50
C LEU B 112 -8.63 6.41 1.47
N GLU B 113 -9.79 6.77 2.00
CA GLU B 113 -10.20 8.17 2.05
C GLU B 113 -9.33 8.85 3.11
N GLU B 114 -8.99 10.13 2.88
CA GLU B 114 -8.14 10.89 3.81
C GLU B 114 -8.89 12.07 4.44
N GLN B 115 -8.58 12.35 5.70
CA GLN B 115 -9.20 13.47 6.43
C GLN B 115 -8.14 14.28 7.16
N VAL B 116 -8.07 15.57 6.90
CA VAL B 116 -7.10 16.38 7.61
C VAL B 116 -7.72 16.74 8.97
N ILE B 117 -7.17 16.14 10.04
CA ILE B 117 -7.69 16.37 11.38
C ILE B 117 -7.10 17.57 12.10
N TYR B 118 -6.00 18.14 11.60
CA TYR B 118 -5.39 19.32 12.22
C TYR B 118 -4.33 19.92 11.33
N THR B 119 -4.27 21.25 11.30
CA THR B 119 -3.28 21.94 10.47
C THR B 119 -2.54 22.99 11.28
N VAL B 120 -1.28 22.70 11.63
CA VAL B 120 -0.46 23.63 12.42
C VAL B 120 -0.67 25.10 12.03
N ASP B 121 -0.72 25.97 13.02
CA ASP B 121 -0.92 27.39 12.78
C ASP B 121 0.33 28.13 12.32
N GLU B 122 0.14 29.11 11.45
CA GLU B 122 1.23 29.93 10.91
C GLU B 122 2.23 30.46 11.92
N GLU B 123 1.83 30.51 13.18
CA GLU B 123 2.67 31.00 14.28
C GLU B 123 3.63 29.94 14.82
N TRP B 124 3.27 28.67 14.64
CA TRP B 124 4.11 27.59 15.14
C TRP B 124 4.70 26.66 14.10
N LYS B 125 5.56 25.77 14.58
CA LYS B 125 6.23 24.79 13.73
C LYS B 125 6.11 23.44 14.41
N GLY B 126 5.65 22.44 13.69
CA GLY B 126 5.50 21.13 14.29
C GLY B 126 6.85 20.49 14.55
N TYR B 127 7.00 19.84 15.71
CA TYR B 127 8.25 19.19 16.07
C TYR B 127 8.01 17.87 16.81
N GLY B 128 8.71 16.82 16.39
CA GLY B 128 8.54 15.52 17.01
C GLY B 128 7.50 14.67 16.26
N THR B 129 7.00 13.63 16.92
CA THR B 129 6.01 12.72 16.36
C THR B 129 4.71 12.70 17.19
N TRP B 130 3.56 12.76 16.52
CA TRP B 130 2.27 12.71 17.20
C TRP B 130 2.05 11.31 17.75
N VAL B 131 1.62 11.23 19.01
CA VAL B 131 1.36 9.94 19.67
C VAL B 131 -0.09 9.92 20.17
N ALA B 132 -0.85 8.95 19.68
CA ALA B 132 -2.25 8.80 20.05
C ALA B 132 -2.45 8.21 21.42
N ASN B 133 -3.64 8.39 21.98
CA ASN B 133 -3.94 7.81 23.28
C ASN B 133 -4.52 6.41 23.02
N SER B 134 -4.52 5.54 24.02
CA SER B 134 -5.02 4.19 23.81
C SER B 134 -6.38 4.08 23.12
N ASP B 135 -7.30 4.96 23.47
CA ASP B 135 -8.61 4.92 22.86
C ASP B 135 -8.57 5.48 21.45
N CYS B 136 -7.48 6.17 21.13
CA CYS B 136 -7.30 6.75 19.81
C CYS B 136 -8.35 7.81 19.49
N THR B 137 -8.58 8.71 20.44
CA THR B 137 -9.57 9.78 20.29
C THR B 137 -8.88 11.12 20.42
N LYS B 138 -7.67 11.08 20.97
CA LYS B 138 -6.87 12.29 21.17
C LYS B 138 -5.42 12.05 20.74
N LEU B 139 -4.79 13.10 20.26
CA LEU B 139 -3.40 13.06 19.83
C LEU B 139 -2.58 14.10 20.56
N VAL B 140 -1.39 13.72 21.00
CA VAL B 140 -0.54 14.68 21.71
C VAL B 140 0.71 14.95 20.87
N GLY B 141 1.29 16.14 21.01
CA GLY B 141 2.49 16.46 20.25
C GLY B 141 3.08 17.78 20.72
N ILE B 142 4.22 18.22 20.17
CA ILE B 142 4.73 19.52 20.59
C ILE B 142 4.98 20.41 19.38
N GLU B 143 5.09 21.71 19.60
CA GLU B 143 5.35 22.65 18.51
C GLU B 143 6.28 23.74 19.05
N ILE B 144 7.03 24.36 18.15
CA ILE B 144 7.99 25.39 18.50
C ILE B 144 7.60 26.71 17.81
N LEU B 145 7.63 27.82 18.55
CA LEU B 145 7.26 29.09 17.95
C LEU B 145 8.15 29.37 16.74
N LYS B 146 7.56 29.53 15.56
CA LYS B 146 8.33 29.78 14.34
C LYS B 146 9.49 30.74 14.48
N ARG B 147 9.26 31.87 15.13
CA ARG B 147 10.30 32.87 15.33
C ARG B 147 11.53 32.30 16.07
N ASP B 148 11.29 31.41 17.02
CA ASP B 148 12.36 30.79 17.80
C ASP B 148 12.99 29.59 17.11
N TRP B 149 12.41 29.15 15.99
CA TRP B 149 12.93 27.99 15.28
C TRP B 149 14.25 28.26 14.59
N GLN B 150 15.13 27.26 14.64
CA GLN B 150 16.45 27.35 14.00
C GLN B 150 16.80 26.00 13.36
N PRO B 151 17.26 26.02 12.11
CA PRO B 151 17.63 24.78 11.42
C PRO B 151 18.82 24.08 12.06
N LEU B 152 18.56 22.95 12.72
CA LEU B 152 19.62 22.18 13.36
C LEU B 152 20.48 21.46 12.32
N THR B 153 21.42 22.18 11.72
CA THR B 153 22.31 21.62 10.70
C THR B 153 23.41 20.73 11.31
N SER B 154 24.20 21.29 12.22
CA SER B 154 25.29 20.56 12.86
C SER B 154 25.20 20.58 14.38
N TRP B 155 26.05 19.81 15.04
CA TRP B 155 26.06 19.74 16.50
C TRP B 155 26.28 21.13 17.11
N GLU B 156 27.05 21.96 16.41
CA GLU B 156 27.32 23.32 16.85
C GLU B 156 25.99 24.07 16.93
N LYS B 157 25.09 23.78 15.99
CA LYS B 157 23.78 24.41 15.95
C LYS B 157 22.82 23.74 16.93
N PHE B 158 23.13 22.51 17.33
CA PHE B 158 22.29 21.77 18.27
C PHE B 158 22.33 22.43 19.64
N ALA B 159 23.51 22.48 20.23
CA ALA B 159 23.68 23.09 21.54
C ALA B 159 23.27 24.57 21.47
N GLU B 160 23.59 25.21 20.36
CA GLU B 160 23.24 26.61 20.14
C GLU B 160 21.74 26.85 20.34
N PHE B 161 20.92 26.04 19.68
CA PHE B 161 19.47 26.15 19.78
C PHE B 161 19.01 25.92 21.20
N TYR B 162 19.62 24.96 21.89
CA TYR B 162 19.24 24.66 23.25
C TYR B 162 19.36 25.88 24.16
N HIS B 163 20.44 26.64 23.99
CA HIS B 163 20.68 27.82 24.80
C HIS B 163 19.77 28.99 24.44
N THR B 164 19.25 29.00 23.21
CA THR B 164 18.39 30.09 22.79
C THR B 164 17.05 30.01 23.52
N ASN B 165 16.93 29.03 24.41
CA ASN B 165 15.71 28.82 25.19
C ASN B 165 14.47 29.19 24.37
N PRO B 166 14.16 28.38 23.35
CA PRO B 166 13.01 28.57 22.46
C PRO B 166 11.72 28.21 23.18
N THR B 167 10.66 28.95 22.87
CA THR B 167 9.35 28.72 23.46
C THR B 167 8.63 27.60 22.70
N CYS B 168 8.39 26.50 23.42
CA CYS B 168 7.74 25.32 22.87
C CYS B 168 6.50 24.99 23.69
N ARG B 169 5.51 24.40 23.04
CA ARG B 169 4.29 24.03 23.74
C ARG B 169 3.92 22.60 23.44
N LEU B 170 3.42 21.92 24.47
CA LEU B 170 2.99 20.54 24.37
C LEU B 170 1.46 20.59 24.19
N ILE B 171 0.98 20.37 22.96
CA ILE B 171 -0.45 20.43 22.69
C ILE B 171 -1.17 19.08 22.59
N LYS B 172 -2.50 19.14 22.66
CA LYS B 172 -3.33 17.96 22.59
C LYS B 172 -4.46 18.29 21.62
N VAL B 173 -4.66 17.43 20.65
CA VAL B 173 -5.70 17.63 19.66
C VAL B 173 -6.77 16.54 19.76
N ASP B 174 -8.02 16.92 19.49
CA ASP B 174 -9.14 16.00 19.55
C ASP B 174 -9.45 15.51 18.14
N ILE B 175 -9.35 14.20 17.93
CA ILE B 175 -9.62 13.63 16.62
C ILE B 175 -10.99 14.03 16.11
N GLU B 176 -11.99 13.94 16.97
CA GLU B 176 -13.36 14.28 16.60
C GLU B 176 -13.59 15.75 16.31
N THR B 177 -13.28 16.62 17.28
CA THR B 177 -13.49 18.05 17.12
C THR B 177 -12.42 18.75 16.29
N GLY B 178 -11.16 18.37 16.51
CA GLY B 178 -10.07 18.99 15.79
C GLY B 178 -9.56 20.22 16.54
N GLU B 179 -10.09 20.42 17.74
CA GLU B 179 -9.70 21.55 18.60
C GLU B 179 -8.41 21.24 19.35
N LEU B 180 -7.50 22.22 19.40
CA LEU B 180 -6.24 22.00 20.13
C LEU B 180 -6.35 22.56 21.54
N GLU B 181 -5.54 22.03 22.44
CA GLU B 181 -5.57 22.47 23.83
C GLU B 181 -4.16 22.44 24.41
N VAL B 182 -3.55 23.61 24.59
CA VAL B 182 -2.20 23.67 25.15
C VAL B 182 -2.18 23.16 26.58
N ILE B 183 -1.60 21.98 26.82
CA ILE B 183 -1.56 21.43 28.17
C ILE B 183 -0.30 21.80 28.94
N HIS B 184 0.66 22.44 28.26
CA HIS B 184 1.91 22.86 28.88
C HIS B 184 2.77 23.67 27.92
N GLN B 185 3.24 24.82 28.36
CA GLN B 185 4.09 25.65 27.53
C GLN B 185 5.35 25.95 28.32
N ASP B 186 6.38 26.48 27.66
CA ASP B 186 7.63 26.77 28.35
C ASP B 186 8.65 27.39 27.41
N THR B 187 9.55 28.21 27.94
CA THR B 187 10.58 28.85 27.13
C THR B 187 11.82 27.96 27.05
N ALA B 188 11.59 26.64 27.11
CA ALA B 188 12.65 25.65 27.03
C ALA B 188 12.36 24.72 25.86
N TRP B 189 13.42 24.08 25.33
CA TRP B 189 13.26 23.15 24.22
C TRP B 189 12.65 21.83 24.72
N LEU B 190 11.37 21.62 24.41
CA LEU B 190 10.64 20.42 24.81
C LEU B 190 10.62 19.40 23.68
N GLY B 191 10.24 18.16 23.99
CA GLY B 191 10.20 17.16 22.95
C GLY B 191 9.64 15.81 23.38
N HIS B 192 9.58 14.92 22.39
CA HIS B 192 9.10 13.56 22.55
C HIS B 192 7.88 13.39 23.47
N PRO B 193 6.72 13.91 23.06
CA PRO B 193 5.52 13.78 23.89
C PRO B 193 4.93 12.39 23.71
N ILE B 194 4.55 11.76 24.82
CA ILE B 194 4.01 10.42 24.76
C ILE B 194 2.95 10.14 25.80
N TYR B 195 1.74 9.83 25.33
CA TYR B 195 0.62 9.50 26.19
C TYR B 195 0.97 8.23 26.93
N ARG B 196 0.56 8.15 28.18
CA ARG B 196 0.79 6.96 28.99
C ARG B 196 -0.20 5.94 28.44
N PRO B 197 0.29 4.79 27.95
CA PRO B 197 -0.59 3.76 27.38
C PRO B 197 -2.06 3.80 27.80
N PHE B 198 -2.46 3.06 28.83
CA PHE B 198 -3.88 3.12 29.16
C PHE B 198 -4.19 4.07 30.29
N ASP B 199 -3.88 5.34 30.07
CA ASP B 199 -4.09 6.36 31.09
C ASP B 199 -3.92 7.75 30.51
N ASP B 200 -4.98 8.29 29.91
CA ASP B 200 -4.95 9.61 29.30
C ASP B 200 -4.57 10.69 30.30
N SER B 201 -4.59 10.34 31.57
CA SER B 201 -4.26 11.29 32.62
C SER B 201 -2.82 11.78 32.57
N THR B 202 -1.91 10.83 32.34
CA THR B 202 -0.47 11.06 32.27
C THR B 202 0.09 11.23 30.86
N VAL B 203 0.97 12.21 30.68
CA VAL B 203 1.58 12.50 29.40
C VAL B 203 3.07 12.80 29.58
N GLY B 204 3.94 11.86 29.19
CA GLY B 204 5.37 12.09 29.34
C GLY B 204 6.01 12.88 28.22
N PHE B 205 6.86 13.85 28.56
CA PHE B 205 7.56 14.65 27.57
C PHE B 205 8.99 14.81 28.08
N CYS B 206 9.77 15.71 27.49
CA CYS B 206 11.15 15.86 27.93
C CYS B 206 11.79 17.12 27.42
N HIS B 207 12.94 17.45 28.00
CA HIS B 207 13.70 18.62 27.57
C HIS B 207 14.79 18.11 26.63
N GLU B 208 14.88 18.71 25.44
CA GLU B 208 15.87 18.30 24.47
C GLU B 208 17.17 19.03 24.74
N GLY B 209 18.21 18.67 24.00
CA GLY B 209 19.51 19.30 24.18
C GLY B 209 20.53 18.30 24.68
N PRO B 210 21.81 18.69 24.76
CA PRO B 210 22.85 17.76 25.23
C PRO B 210 22.53 17.18 26.60
N HIS B 211 22.74 15.88 26.73
CA HIS B 211 22.47 15.17 27.98
C HIS B 211 23.34 15.67 29.14
N ASP B 212 24.28 16.55 28.83
CA ASP B 212 25.18 17.09 29.85
C ASP B 212 24.58 18.33 30.49
N LEU B 213 24.59 19.43 29.76
CA LEU B 213 24.06 20.69 30.27
C LEU B 213 22.53 20.75 30.24
N VAL B 214 21.89 19.71 30.77
CA VAL B 214 20.44 19.65 30.80
C VAL B 214 19.95 19.17 32.17
N ASP B 215 19.06 19.94 32.79
CA ASP B 215 18.53 19.60 34.11
C ASP B 215 18.07 18.15 34.22
N ALA B 216 17.18 17.75 33.31
CA ALA B 216 16.65 16.38 33.27
C ALA B 216 15.67 16.29 32.12
N ARG B 217 15.53 15.11 31.52
CA ARG B 217 14.60 14.95 30.42
C ARG B 217 13.40 14.11 30.81
N MSE B 218 13.58 13.24 31.79
CA MSE B 218 12.50 12.38 32.25
C MSE B 218 11.37 13.22 32.87
O MSE B 218 11.32 13.39 34.10
CB MSE B 218 13.02 11.40 33.30
CG MSE B 218 14.18 10.50 32.87
SE MSE B 218 13.67 9.11 31.65
CE MSE B 218 14.09 10.08 30.00
N TRP B 219 10.47 13.74 32.06
CA TRP B 219 9.38 14.54 32.60
C TRP B 219 8.01 13.89 32.44
N LEU B 220 7.08 14.32 33.28
CA LEU B 220 5.69 13.82 33.29
C LEU B 220 4.76 14.97 33.66
N VAL B 221 3.54 14.95 33.15
CA VAL B 221 2.58 16.02 33.44
C VAL B 221 1.19 15.49 33.13
N ASN B 222 0.18 15.94 33.88
CA ASN B 222 -1.17 15.44 33.64
C ASN B 222 -1.83 16.09 32.45
N GLU B 223 -2.85 15.43 31.92
CA GLU B 223 -3.54 15.96 30.77
C GLU B 223 -4.10 17.35 30.99
N ASP B 224 -4.58 17.62 32.21
CA ASP B 224 -5.14 18.92 32.54
C ASP B 224 -4.09 20.03 32.54
N GLY B 225 -2.82 19.66 32.65
CA GLY B 225 -1.74 20.63 32.64
C GLY B 225 -1.00 20.82 33.95
N SER B 226 -1.43 20.11 34.99
CA SER B 226 -0.82 20.24 36.31
C SER B 226 0.03 19.04 36.72
N ASN B 227 0.71 19.21 37.85
CA ASN B 227 1.60 18.20 38.43
C ASN B 227 2.82 17.90 37.57
N VAL B 228 3.39 18.94 36.99
CA VAL B 228 4.59 18.79 36.16
C VAL B 228 5.71 18.34 37.09
N ARG B 229 6.21 17.12 36.88
CA ARG B 229 7.29 16.60 37.71
C ARG B 229 8.32 15.77 36.94
N LYS B 230 9.48 15.54 37.55
CA LYS B 230 10.52 14.76 36.90
C LYS B 230 10.44 13.31 37.38
N ILE B 231 10.51 12.38 36.44
CA ILE B 231 10.42 10.95 36.72
C ILE B 231 11.46 10.48 37.74
N LYS B 232 12.70 10.96 37.59
CA LYS B 232 13.77 10.55 38.49
C LYS B 232 14.43 11.81 39.02
N GLU B 233 15.03 11.69 40.22
CA GLU B 233 15.71 12.82 40.85
C GLU B 233 16.99 13.18 40.10
N HIS B 234 17.52 12.23 39.32
CA HIS B 234 18.74 12.44 38.55
C HIS B 234 19.96 12.61 39.46
N ALA B 235 20.77 11.55 39.56
CA ALA B 235 21.97 11.58 40.39
C ALA B 235 23.07 12.34 39.65
N GLU B 236 23.89 13.08 40.40
CA GLU B 236 24.97 13.86 39.80
C GLU B 236 25.90 12.96 38.99
N GLY B 237 25.87 13.14 37.67
CA GLY B 237 26.69 12.32 36.79
C GLY B 237 25.93 11.29 35.99
N GLU B 238 24.68 11.04 36.37
CA GLU B 238 23.83 10.06 35.67
C GLU B 238 23.03 10.70 34.54
N SER B 239 23.11 10.11 33.36
CA SER B 239 22.36 10.63 32.21
C SER B 239 21.30 9.61 31.80
N CYS B 240 20.09 10.09 31.53
CA CYS B 240 18.99 9.22 31.14
C CYS B 240 18.54 9.47 29.72
N THR B 241 18.18 8.41 29.01
CA THR B 241 17.74 8.54 27.63
C THR B 241 17.08 7.29 27.10
N HIS B 242 16.56 7.37 25.88
CA HIS B 242 15.91 6.23 25.26
C HIS B 242 14.62 5.88 25.97
N GLU B 243 14.03 6.85 26.68
CA GLU B 243 12.80 6.59 27.41
C GLU B 243 11.64 6.19 26.52
N PHE B 244 10.80 5.31 27.02
CA PHE B 244 9.63 4.86 26.27
C PHE B 244 8.66 4.12 27.17
N TRP B 245 7.38 4.39 26.99
CA TRP B 245 6.33 3.74 27.76
C TRP B 245 6.28 2.28 27.36
N ILE B 246 6.12 1.40 28.34
CA ILE B 246 6.01 0.00 28.00
C ILE B 246 4.57 -0.12 27.52
N PRO B 247 4.34 -0.79 26.39
CA PRO B 247 3.01 -0.99 25.81
C PRO B 247 1.83 -1.06 26.76
N ASP B 248 1.90 -1.94 27.75
CA ASP B 248 0.80 -2.09 28.71
C ASP B 248 0.66 -0.90 29.69
N GLY B 249 1.59 0.05 29.63
CA GLY B 249 1.54 1.20 30.51
C GLY B 249 2.03 0.94 31.94
N SER B 250 2.63 -0.23 32.16
CA SER B 250 3.11 -0.62 33.48
C SER B 250 4.21 0.28 34.02
N ALA B 251 5.01 0.89 33.15
CA ALA B 251 6.09 1.75 33.61
C ALA B 251 6.79 2.49 32.47
N MSE B 252 7.66 3.42 32.84
CA MSE B 252 8.45 4.20 31.88
C MSE B 252 9.87 3.64 31.85
O MSE B 252 10.67 3.95 32.74
CB MSE B 252 8.51 5.67 32.31
CG MSE B 252 9.38 6.56 31.44
SE MSE B 252 8.62 6.95 29.70
CE MSE B 252 7.68 8.60 30.11
N ALA B 253 10.19 2.81 30.86
CA ALA B 253 11.53 2.25 30.76
C ALA B 253 12.54 3.19 30.10
N TYR B 254 13.77 3.21 30.60
CA TYR B 254 14.80 4.06 30.01
C TYR B 254 16.20 3.50 30.30
N VAL B 255 17.21 4.20 29.79
CA VAL B 255 18.58 3.77 29.97
C VAL B 255 19.40 4.88 30.62
N SER B 256 20.22 4.52 31.60
CA SER B 256 21.04 5.50 32.28
C SER B 256 22.51 5.11 32.22
N TYR B 257 23.38 6.12 32.23
CA TYR B 257 24.82 5.92 32.19
C TYR B 257 25.50 6.81 33.22
N PHE B 258 26.32 6.21 34.06
CA PHE B 258 27.05 6.92 35.11
C PHE B 258 28.50 7.13 34.69
N LYS B 259 28.96 8.37 34.72
CA LYS B 259 30.35 8.67 34.34
C LYS B 259 31.30 7.97 35.31
N GLY B 260 32.09 7.04 34.78
CA GLY B 260 33.03 6.31 35.60
C GLY B 260 32.51 4.94 36.01
N GLN B 261 31.49 4.45 35.33
CA GLN B 261 30.94 3.14 35.66
C GLN B 261 31.02 2.26 34.41
N THR B 262 31.34 2.89 33.29
CA THR B 262 31.48 2.22 31.99
C THR B 262 30.42 1.14 31.71
N ASP B 263 29.24 1.29 32.32
CA ASP B 263 28.13 0.36 32.13
C ASP B 263 26.77 1.04 32.10
N ARG B 264 26.00 0.72 31.06
CA ARG B 264 24.68 1.28 30.88
C ARG B 264 23.65 0.29 31.45
N VAL B 265 22.68 0.80 32.20
CA VAL B 265 21.67 -0.06 32.78
C VAL B 265 20.25 0.42 32.52
N ILE B 266 19.38 -0.54 32.19
CA ILE B 266 17.98 -0.24 31.92
C ILE B 266 17.24 0.01 33.23
N TYR B 267 16.29 0.93 33.20
CA TYR B 267 15.53 1.27 34.39
C TYR B 267 14.04 1.35 34.10
N LYS B 268 13.23 0.98 35.08
CA LYS B 268 11.76 1.04 34.96
C LYS B 268 11.26 1.99 36.02
N ALA B 269 10.50 2.99 35.61
CA ALA B 269 9.94 3.97 36.55
C ALA B 269 8.43 3.82 36.64
N ASN B 270 7.91 3.75 37.87
CA ASN B 270 6.46 3.62 38.09
C ASN B 270 5.79 4.98 37.81
N PRO B 271 4.88 5.04 36.84
CA PRO B 271 4.18 6.29 36.50
C PRO B 271 3.37 6.92 37.64
N GLU B 272 2.86 6.08 38.54
CA GLU B 272 2.06 6.54 39.66
C GLU B 272 2.92 6.82 40.91
N THR B 273 3.63 5.79 41.38
CA THR B 273 4.49 5.89 42.56
C THR B 273 5.73 6.78 42.33
N LEU B 274 6.08 6.97 41.07
CA LEU B 274 7.24 7.78 40.69
C LEU B 274 8.52 7.24 41.31
N GLU B 275 8.58 5.93 41.49
CA GLU B 275 9.75 5.31 42.08
C GLU B 275 10.48 4.47 41.03
N ASN B 276 11.74 4.81 40.77
CA ASN B 276 12.51 4.08 39.77
C ASN B 276 13.21 2.86 40.34
N GLU B 277 13.55 1.92 39.47
CA GLU B 277 14.25 0.71 39.88
C GLU B 277 14.97 0.04 38.73
N GLU B 278 16.22 -0.34 38.98
CA GLU B 278 17.07 -0.98 37.98
C GLU B 278 16.48 -2.32 37.58
N VAL B 279 16.62 -2.67 36.29
CA VAL B 279 16.10 -3.94 35.77
C VAL B 279 17.23 -4.86 35.29
N MSE B 280 18.19 -4.29 34.57
CA MSE B 280 19.32 -5.08 34.07
C MSE B 280 20.34 -4.26 33.29
O MSE B 280 20.13 -3.07 33.03
CB MSE B 280 18.83 -6.23 33.18
CG MSE B 280 18.56 -5.84 31.74
SE MSE B 280 18.25 -7.37 30.61
CE MSE B 280 16.30 -7.19 30.47
N VAL B 281 21.45 -4.89 32.93
CA VAL B 281 22.49 -4.23 32.18
C VAL B 281 21.99 -3.92 30.78
N MSE B 282 22.79 -3.18 30.02
CA MSE B 282 22.39 -2.78 28.67
C MSE B 282 23.51 -3.03 27.68
O MSE B 282 24.52 -2.33 27.71
CB MSE B 282 22.05 -1.29 28.66
CG MSE B 282 20.63 -0.95 28.24
SE MSE B 282 20.29 -1.03 26.34
CE MSE B 282 21.08 0.69 25.83
N PRO B 283 23.35 -4.03 26.81
CA PRO B 283 24.41 -4.29 25.83
C PRO B 283 24.59 -3.08 24.92
N PRO B 284 25.75 -2.97 24.25
CA PRO B 284 26.02 -1.84 23.35
C PRO B 284 24.97 -1.67 22.25
N CYS B 285 23.87 -0.99 22.57
CA CYS B 285 22.79 -0.79 21.60
C CYS B 285 22.28 0.64 21.48
N SER B 286 21.82 1.00 20.28
CA SER B 286 21.31 2.35 20.04
C SER B 286 19.91 2.57 20.57
N HIS B 287 18.95 1.86 19.98
CA HIS B 287 17.56 2.01 20.40
C HIS B 287 17.16 0.84 21.28
N LEU B 288 16.08 1.02 22.02
CA LEU B 288 15.57 -0.03 22.90
C LEU B 288 14.04 -0.02 22.90
N MSE B 289 13.44 -1.19 22.68
CA MSE B 289 11.99 -1.31 22.69
C MSE B 289 11.62 -2.57 23.46
O MSE B 289 12.39 -3.54 23.46
CB MSE B 289 11.44 -1.41 21.28
CG MSE B 289 9.92 -1.58 21.20
SE MSE B 289 8.94 -0.32 22.30
CE MSE B 289 10.01 1.26 22.04
N SER B 290 10.46 -2.56 24.10
CA SER B 290 10.08 -3.73 24.86
C SER B 290 8.91 -4.46 24.27
N ASN B 291 8.52 -5.49 25.00
CA ASN B 291 7.41 -6.35 24.67
C ASN B 291 6.17 -5.60 25.15
N PHE B 292 5.02 -6.27 25.13
CA PHE B 292 3.80 -5.60 25.59
C PHE B 292 3.81 -5.42 27.12
N ASP B 293 4.21 -6.47 27.82
CA ASP B 293 4.26 -6.44 29.27
C ASP B 293 5.64 -6.04 29.79
N GLY B 294 6.60 -5.92 28.86
CA GLY B 294 7.95 -5.54 29.27
C GLY B 294 8.80 -6.72 29.71
N SER B 295 8.31 -7.93 29.44
CA SER B 295 9.04 -9.14 29.81
C SER B 295 10.17 -9.40 28.83
N LEU B 296 10.01 -8.88 27.62
CA LEU B 296 11.02 -9.02 26.56
C LEU B 296 11.45 -7.65 26.05
N MSE B 297 12.68 -7.57 25.58
CA MSE B 297 13.17 -6.32 25.04
C MSE B 297 14.11 -6.59 23.87
O MSE B 297 14.77 -7.63 23.82
CB MSE B 297 13.90 -5.51 26.11
CG MSE B 297 12.98 -4.87 27.13
SE MSE B 297 13.84 -3.50 28.24
CE MSE B 297 12.26 -2.86 29.23
N VAL B 298 14.14 -5.67 22.92
CA VAL B 298 15.01 -5.83 21.77
C VAL B 298 15.91 -4.62 21.64
N GLY B 299 17.14 -4.86 21.20
CA GLY B 299 18.10 -3.78 21.04
C GLY B 299 18.91 -3.73 19.76
N ASP B 300 19.38 -2.53 19.45
CA ASP B 300 20.15 -2.25 18.26
C ASP B 300 21.67 -2.24 18.42
N GLY B 301 22.33 -3.33 18.07
CA GLY B 301 23.78 -3.35 18.19
C GLY B 301 24.42 -2.29 17.29
N CYS B 302 25.39 -1.56 17.80
CA CYS B 302 26.02 -0.51 17.01
C CYS B 302 27.52 -0.40 17.28
N ASP B 303 28.09 0.75 16.96
CA ASP B 303 29.52 0.97 17.17
C ASP B 303 29.80 1.53 18.54
N ALA B 304 30.93 1.14 19.12
CA ALA B 304 31.29 1.63 20.45
C ALA B 304 32.31 2.75 20.31
N PRO B 305 32.16 3.82 21.14
CA PRO B 305 33.09 4.97 21.10
C PRO B 305 34.48 4.67 21.66
N VAL B 306 35.29 5.72 21.84
CA VAL B 306 36.65 5.56 22.38
C VAL B 306 36.66 5.72 23.91
N ASN B 315 41.56 -1.27 18.51
CA ASN B 315 41.06 -2.05 17.38
C ASN B 315 39.82 -2.85 17.77
N ILE B 316 38.80 -2.18 18.29
CA ILE B 316 37.60 -2.89 18.70
C ILE B 316 36.87 -3.51 17.51
N GLU B 317 35.55 -3.40 17.47
CA GLU B 317 34.75 -3.97 16.39
C GLU B 317 33.28 -3.54 16.47
N ASN B 318 32.73 -3.09 15.34
CA ASN B 318 31.33 -2.68 15.28
C ASN B 318 30.40 -3.88 15.46
N ASP B 319 29.42 -3.73 16.34
CA ASP B 319 28.46 -4.80 16.62
C ASP B 319 27.25 -4.75 15.70
N PRO B 320 27.14 -5.70 14.77
CA PRO B 320 25.99 -5.69 13.86
C PRO B 320 24.87 -6.64 14.31
N PHE B 321 24.79 -6.92 15.61
CA PHE B 321 23.76 -7.83 16.09
C PHE B 321 22.55 -7.21 16.77
N LEU B 322 21.43 -7.91 16.66
CA LEU B 322 20.19 -7.50 17.29
C LEU B 322 20.14 -8.29 18.59
N TYR B 323 19.70 -7.67 19.67
CA TYR B 323 19.66 -8.38 20.94
C TYR B 323 18.25 -8.58 21.49
N VAL B 324 18.03 -9.75 22.08
CA VAL B 324 16.75 -10.05 22.67
C VAL B 324 16.97 -10.30 24.16
N LEU B 325 16.80 -9.25 24.94
CA LEU B 325 16.98 -9.31 26.38
C LEU B 325 15.79 -9.97 27.07
N ASN B 326 16.10 -10.72 28.13
CA ASN B 326 15.08 -11.40 28.91
C ASN B 326 15.01 -10.68 30.26
N THR B 327 14.02 -9.80 30.43
CA THR B 327 13.86 -9.03 31.68
C THR B 327 13.97 -9.84 32.96
N LYS B 328 13.12 -10.86 33.09
CA LYS B 328 13.10 -11.73 34.26
C LYS B 328 14.45 -12.41 34.49
N ALA B 329 14.88 -13.23 33.52
CA ALA B 329 16.15 -13.94 33.62
C ALA B 329 17.35 -12.97 33.61
N LYS B 330 17.06 -11.70 33.34
CA LYS B 330 18.10 -10.66 33.29
C LYS B 330 19.27 -11.15 32.43
N SER B 331 18.99 -11.41 31.15
CA SER B 331 20.02 -11.90 30.24
C SER B 331 19.78 -11.47 28.81
N ALA B 332 20.83 -10.92 28.20
CA ALA B 332 20.75 -10.47 26.82
C ALA B 332 21.28 -11.59 25.92
N GLN B 333 20.73 -11.72 24.72
CA GLN B 333 21.18 -12.77 23.82
C GLN B 333 21.11 -12.30 22.37
N LYS B 334 22.11 -12.68 21.57
CA LYS B 334 22.12 -12.29 20.16
C LYS B 334 21.06 -13.06 19.38
N LEU B 335 20.12 -12.34 18.76
CA LEU B 335 19.03 -12.96 18.00
C LEU B 335 19.56 -13.36 16.63
N CYS B 336 19.83 -12.34 15.82
CA CYS B 336 20.37 -12.57 14.50
C CYS B 336 21.23 -11.38 14.24
N LYS B 337 21.53 -11.14 12.98
CA LYS B 337 22.37 -10.02 12.61
C LYS B 337 21.63 -9.08 11.65
N HIS B 338 21.71 -7.77 11.91
CA HIS B 338 21.05 -6.78 11.06
C HIS B 338 22.06 -6.18 10.11
N SER B 339 23.33 -6.16 10.51
CA SER B 339 24.40 -5.62 9.66
C SER B 339 24.00 -4.39 8.86
N THR B 340 23.67 -3.32 9.54
CA THR B 340 23.28 -2.12 8.84
C THR B 340 24.44 -1.13 8.79
N SER B 341 24.51 -0.36 7.69
CA SER B 341 25.54 0.66 7.51
C SER B 341 24.85 1.92 7.96
N TRP B 342 25.10 2.34 9.19
CA TRP B 342 24.42 3.54 9.70
C TRP B 342 24.60 4.82 8.89
N ASP B 343 24.70 4.69 7.57
CA ASP B 343 24.88 5.82 6.68
C ASP B 343 23.65 6.71 6.63
N VAL B 344 23.86 7.95 6.20
CA VAL B 344 22.77 8.89 6.07
C VAL B 344 22.40 9.02 4.61
N LEU B 345 21.22 8.54 4.25
CA LEU B 345 20.75 8.64 2.88
C LEU B 345 20.02 9.96 2.62
N ASP B 346 20.54 10.77 1.70
CA ASP B 346 19.93 12.04 1.35
C ASP B 346 19.57 12.85 2.56
N GLY B 347 20.52 12.97 3.48
CA GLY B 347 20.26 13.74 4.67
C GLY B 347 19.39 13.03 5.70
N ASP B 348 18.75 11.95 5.29
CA ASP B 348 17.90 11.19 6.20
C ASP B 348 18.77 10.24 7.00
N ARG B 349 18.85 10.44 8.31
CA ARG B 349 19.69 9.58 9.13
C ARG B 349 18.94 8.41 9.75
N GLN B 350 17.61 8.48 9.75
CA GLN B 350 16.82 7.41 10.36
C GLN B 350 16.44 6.21 9.48
N ILE B 351 16.29 6.38 8.17
CA ILE B 351 15.90 5.24 7.32
C ILE B 351 16.80 4.05 7.53
N THR B 352 18.05 4.34 7.83
CA THR B 352 19.05 3.31 8.00
C THR B 352 19.02 2.63 9.39
N HIS B 353 18.25 3.18 10.33
CA HIS B 353 18.15 2.60 11.66
C HIS B 353 17.28 1.35 11.68
N PRO B 354 17.74 0.27 12.34
CA PRO B 354 16.99 -0.98 12.42
C PRO B 354 15.64 -0.81 13.12
N HIS B 355 15.64 -0.03 14.21
CA HIS B 355 14.42 0.24 14.98
C HIS B 355 13.65 -1.04 15.28
N PRO B 356 14.34 -2.04 15.84
CA PRO B 356 13.71 -3.33 16.16
C PRO B 356 12.47 -3.17 17.04
N SER B 357 11.46 -3.97 16.73
CA SER B 357 10.20 -3.94 17.44
C SER B 357 9.67 -5.35 17.44
N PHE B 358 8.97 -5.75 18.49
CA PHE B 358 8.44 -7.10 18.55
C PHE B 358 7.15 -7.23 17.74
N THR B 359 6.91 -8.43 17.23
CA THR B 359 5.69 -8.68 16.47
C THR B 359 4.57 -8.79 17.54
N PRO B 360 3.31 -8.55 17.16
CA PRO B 360 2.21 -8.63 18.14
C PRO B 360 2.11 -9.87 19.04
N ASN B 361 2.80 -10.95 18.70
CA ASN B 361 2.74 -12.15 19.54
C ASN B 361 4.15 -12.63 19.90
N ASP B 362 5.16 -11.80 19.64
CA ASP B 362 6.55 -12.11 19.99
C ASP B 362 7.21 -13.24 19.23
N ASP B 363 6.65 -13.64 18.09
CA ASP B 363 7.30 -14.70 17.35
C ASP B 363 8.37 -14.14 16.41
N GLY B 364 8.43 -12.81 16.29
CA GLY B 364 9.41 -12.20 15.41
C GLY B 364 9.77 -10.77 15.78
N VAL B 365 10.82 -10.27 15.14
CA VAL B 365 11.27 -8.91 15.36
C VAL B 365 11.38 -8.25 13.99
N LEU B 366 10.67 -7.14 13.81
CA LEU B 366 10.65 -6.37 12.58
C LEU B 366 11.71 -5.31 12.69
N PHE B 367 12.45 -5.08 11.61
CA PHE B 367 13.51 -4.08 11.60
C PHE B 367 13.93 -3.72 10.17
N THR B 368 14.63 -2.60 10.03
CA THR B 368 15.11 -2.15 8.73
C THR B 368 16.62 -2.44 8.60
N SER B 369 17.10 -2.62 7.38
CA SER B 369 18.52 -2.78 7.15
C SER B 369 18.86 -2.58 5.70
N ASP B 370 20.07 -2.11 5.41
CA ASP B 370 20.48 -1.91 4.02
C ASP B 370 21.68 -2.74 3.65
N PHE B 371 21.87 -3.85 4.35
CA PHE B 371 23.03 -4.68 4.09
C PHE B 371 23.01 -5.32 2.68
N GLU B 372 21.82 -5.52 2.13
CA GLU B 372 21.71 -6.09 0.80
C GLU B 372 21.83 -4.99 -0.23
N GLY B 373 22.26 -3.81 0.20
CA GLY B 373 22.42 -2.71 -0.74
C GLY B 373 21.55 -1.49 -0.55
N VAL B 374 20.28 -1.70 -0.31
CA VAL B 374 19.39 -0.57 -0.09
C VAL B 374 18.53 -0.87 1.12
N PRO B 375 18.07 0.17 1.81
CA PRO B 375 17.24 -0.10 2.98
C PRO B 375 16.01 -0.93 2.62
N ALA B 376 15.80 -1.97 3.41
CA ALA B 376 14.69 -2.89 3.25
C ALA B 376 14.16 -3.35 4.62
N ILE B 377 13.01 -4.01 4.62
CA ILE B 377 12.37 -4.48 5.85
C ILE B 377 12.48 -5.98 6.05
N TYR B 378 12.91 -6.38 7.24
CA TYR B 378 13.05 -7.80 7.56
C TYR B 378 12.28 -8.14 8.83
N ILE B 379 12.00 -9.42 9.02
CA ILE B 379 11.35 -9.88 10.24
C ILE B 379 12.13 -11.10 10.67
N ALA B 380 12.81 -11.00 11.81
CA ALA B 380 13.61 -12.12 12.30
C ALA B 380 12.79 -12.96 13.26
N ASP B 381 12.77 -14.27 13.02
CA ASP B 381 12.04 -15.19 13.89
C ASP B 381 12.64 -15.11 15.29
N VAL B 382 11.88 -15.50 16.30
CA VAL B 382 12.39 -15.48 17.66
C VAL B 382 11.99 -16.76 18.37
N PRO B 383 12.86 -17.80 18.27
CA PRO B 383 12.63 -19.11 18.88
C PRO B 383 12.31 -19.01 20.37
N GLU B 384 11.70 -20.06 20.91
CA GLU B 384 11.33 -20.06 22.32
C GLU B 384 12.52 -19.90 23.25
N SER B 385 13.67 -20.38 22.81
CA SER B 385 14.89 -20.25 23.60
C SER B 385 15.44 -18.82 23.49
N TYR B 386 14.72 -17.97 22.75
CA TYR B 386 15.11 -16.58 22.50
C TYR B 386 16.51 -16.50 21.90
N LYS B 387 16.84 -17.43 21.01
CA LYS B 387 18.17 -17.46 20.40
C LYS B 387 18.51 -16.21 19.60
N ALA C 2 -22.24 19.71 11.48
CA ALA C 2 -21.42 18.52 11.09
C ALA C 2 -21.56 18.17 9.60
N LYS C 3 -20.46 17.83 8.97
CA LYS C 3 -20.47 17.47 7.57
C LYS C 3 -21.47 16.35 7.28
N GLY C 4 -22.40 16.61 6.37
CA GLY C 4 -23.40 15.62 6.02
C GLY C 4 -24.79 15.93 6.51
N ASP C 5 -24.90 16.70 7.60
CA ASP C 5 -26.21 17.05 8.13
C ASP C 5 -27.07 17.75 7.09
N VAL C 6 -28.38 17.73 7.32
CA VAL C 6 -29.33 18.34 6.43
C VAL C 6 -30.19 19.37 7.15
N ILE C 7 -30.51 20.45 6.46
CA ILE C 7 -31.34 21.48 7.07
C ILE C 7 -32.48 21.84 6.10
N THR C 8 -33.70 21.90 6.64
CA THR C 8 -34.84 22.23 5.81
C THR C 8 -35.11 23.73 5.93
N LEU C 9 -35.12 24.43 4.79
CA LEU C 9 -35.33 25.88 4.76
C LEU C 9 -36.72 26.28 4.30
N ASN C 10 -37.07 27.54 4.55
CA ASN C 10 -38.37 28.11 4.17
C ASN C 10 -38.13 29.20 3.15
N PHE C 11 -38.77 29.11 1.99
CA PHE C 11 -38.59 30.14 0.99
C PHE C 11 -39.73 31.14 1.06
N GLU C 12 -39.40 32.39 1.32
CA GLU C 12 -40.41 33.43 1.41
C GLU C 12 -40.24 34.39 0.25
N THR C 13 -41.31 34.56 -0.53
CA THR C 13 -41.23 35.45 -1.67
C THR C 13 -42.02 36.73 -1.44
N PHE C 14 -41.43 37.86 -1.79
CA PHE C 14 -42.09 39.15 -1.63
C PHE C 14 -41.94 39.99 -2.89
N VAL C 15 -42.75 41.03 -2.99
CA VAL C 15 -42.72 41.90 -4.16
C VAL C 15 -42.03 43.21 -3.86
N ASP C 16 -41.09 43.59 -4.72
CA ASP C 16 -40.38 44.83 -4.52
C ASP C 16 -41.34 46.00 -4.67
N SER C 17 -41.34 46.89 -3.67
CA SER C 17 -42.24 48.04 -3.65
C SER C 17 -42.05 49.06 -4.77
N ASP C 18 -40.90 49.05 -5.44
CA ASP C 18 -40.65 50.00 -6.52
C ASP C 18 -40.71 49.43 -7.94
N THR C 19 -40.49 48.13 -8.10
CA THR C 19 -40.50 47.54 -9.43
C THR C 19 -41.52 46.43 -9.60
N GLN C 20 -42.13 46.04 -8.49
CA GLN C 20 -43.14 44.97 -8.45
C GLN C 20 -42.52 43.60 -8.77
N VAL C 21 -41.21 43.59 -9.05
CA VAL C 21 -40.54 42.34 -9.35
C VAL C 21 -40.52 41.41 -8.14
N LYS C 22 -40.71 40.12 -8.39
CA LYS C 22 -40.71 39.15 -7.31
C LYS C 22 -39.29 38.82 -6.85
N VAL C 23 -39.13 38.71 -5.54
CA VAL C 23 -37.85 38.39 -4.92
C VAL C 23 -38.10 37.37 -3.85
N THR C 24 -37.32 36.30 -3.86
CA THR C 24 -37.51 35.26 -2.87
C THR C 24 -36.24 35.03 -2.03
N ARG C 25 -36.41 34.94 -0.71
CA ARG C 25 -35.32 34.74 0.24
C ARG C 25 -35.13 33.24 0.48
N LEU C 26 -33.91 32.74 0.28
CA LEU C 26 -33.61 31.32 0.45
C LEU C 26 -33.20 30.92 1.86
N THR C 27 -32.43 31.78 2.51
CA THR C 27 -31.91 31.49 3.85
C THR C 27 -32.67 32.20 4.99
N PRO C 28 -32.60 31.65 6.20
CA PRO C 28 -33.28 32.24 7.36
C PRO C 28 -32.83 33.68 7.62
N THR C 29 -33.72 34.45 8.22
CA THR C 29 -33.41 35.85 8.52
C THR C 29 -32.62 36.01 9.82
N ASP C 30 -32.46 34.91 10.56
CA ASP C 30 -31.73 34.91 11.83
C ASP C 30 -30.32 34.29 11.80
N ILE C 31 -29.88 33.76 10.67
CA ILE C 31 -28.52 33.18 10.59
C ILE C 31 -27.78 33.74 9.39
N ILE C 32 -26.51 34.06 9.57
CA ILE C 32 -25.68 34.64 8.52
C ILE C 32 -25.41 33.70 7.33
N CYS C 33 -25.70 34.17 6.11
CA CYS C 33 -25.49 33.38 4.89
C CYS C 33 -25.10 34.29 3.75
N HIS C 34 -24.27 33.78 2.84
CA HIS C 34 -23.89 34.59 1.70
C HIS C 34 -23.49 33.68 0.56
N ARG C 35 -23.56 34.25 -0.65
CA ARG C 35 -23.21 33.54 -1.86
C ARG C 35 -21.71 33.70 -2.12
N ASN C 36 -21.15 32.85 -2.96
CA ASN C 36 -19.73 32.92 -3.29
C ASN C 36 -19.49 34.09 -4.23
N TYR C 37 -18.26 34.26 -4.71
CA TYR C 37 -17.98 35.34 -5.64
C TYR C 37 -18.74 35.09 -6.94
N PHE C 38 -19.32 36.16 -7.48
CA PHE C 38 -20.12 36.12 -8.70
C PHE C 38 -19.52 35.44 -9.93
N TYR C 39 -18.19 35.45 -10.07
CA TYR C 39 -17.61 34.82 -11.24
C TYR C 39 -17.38 33.31 -11.09
N GLN C 40 -17.52 32.83 -9.85
CA GLN C 40 -17.37 31.41 -9.58
C GLN C 40 -18.70 30.69 -9.73
N LYS C 41 -18.66 29.47 -10.25
CA LYS C 41 -19.87 28.69 -10.46
C LYS C 41 -20.46 28.21 -9.14
N CYS C 42 -21.75 28.49 -8.93
CA CYS C 42 -22.41 28.07 -7.70
C CYS C 42 -23.76 27.41 -7.99
N PHE C 43 -24.12 27.39 -9.26
CA PHE C 43 -25.38 26.79 -9.72
C PHE C 43 -25.09 25.63 -10.64
N THR C 44 -25.88 24.56 -10.54
CA THR C 44 -25.71 23.42 -11.44
C THR C 44 -26.50 23.78 -12.70
N GLN C 45 -26.13 23.22 -13.85
CA GLN C 45 -26.80 23.55 -15.10
C GLN C 45 -28.31 23.48 -15.06
N ASP C 46 -28.85 22.47 -14.41
CA ASP C 46 -30.30 22.34 -14.31
C ASP C 46 -30.94 23.42 -13.45
N GLY C 47 -30.12 24.13 -12.69
CA GLY C 47 -30.62 25.19 -11.81
C GLY C 47 -31.36 24.65 -10.60
N LYS C 48 -31.02 23.45 -10.16
CA LYS C 48 -31.69 22.82 -9.03
C LYS C 48 -30.88 22.79 -7.74
N LYS C 49 -29.56 22.89 -7.90
CA LYS C 49 -28.64 22.85 -6.78
C LYS C 49 -27.87 24.15 -6.68
N LEU C 50 -27.69 24.66 -5.47
CA LEU C 50 -26.93 25.90 -5.26
C LEU C 50 -25.88 25.77 -4.17
N LEU C 51 -24.69 26.29 -4.43
CA LEU C 51 -23.60 26.24 -3.47
C LEU C 51 -23.57 27.58 -2.74
N PHE C 52 -23.48 27.56 -1.42
CA PHE C 52 -23.45 28.80 -0.63
C PHE C 52 -22.83 28.56 0.76
N ALA C 53 -22.69 29.62 1.56
CA ALA C 53 -22.13 29.49 2.90
C ALA C 53 -23.08 30.02 3.98
N GLY C 54 -23.00 29.45 5.18
CA GLY C 54 -23.85 29.87 6.28
C GLY C 54 -23.29 29.42 7.60
N ASP C 55 -23.82 29.95 8.71
CA ASP C 55 -23.33 29.60 10.04
C ASP C 55 -24.20 28.62 10.80
N PHE C 56 -25.00 27.85 10.09
CA PHE C 56 -25.87 26.88 10.75
C PHE C 56 -25.13 26.04 11.78
N ASP C 57 -23.90 25.64 11.47
CA ASP C 57 -23.12 24.80 12.38
C ASP C 57 -22.13 25.57 13.23
N GLY C 58 -22.47 26.82 13.56
CA GLY C 58 -21.60 27.63 14.38
C GLY C 58 -20.32 28.07 13.69
N ASN C 59 -20.18 27.70 12.43
CA ASN C 59 -18.99 28.07 11.68
C ASN C 59 -19.39 28.44 10.27
N ARG C 60 -18.66 29.37 9.68
CA ARG C 60 -18.92 29.77 8.31
C ARG C 60 -18.48 28.58 7.43
N ASN C 61 -19.42 27.72 7.04
CA ASN C 61 -19.16 26.54 6.20
C ASN C 61 -19.93 26.53 4.87
N TYR C 62 -19.65 25.55 4.01
CA TYR C 62 -20.31 25.43 2.70
C TYR C 62 -21.52 24.50 2.70
N TYR C 63 -22.57 24.91 2.01
CA TYR C 63 -23.77 24.09 1.94
C TYR C 63 -24.17 23.92 0.48
N LEU C 64 -24.98 22.90 0.21
CA LEU C 64 -25.49 22.69 -1.15
C LEU C 64 -27.00 22.72 -0.97
N LEU C 65 -27.63 23.73 -1.52
CA LEU C 65 -29.08 23.87 -1.40
C LEU C 65 -29.80 23.26 -2.59
N ASN C 66 -30.87 22.51 -2.30
CA ASN C 66 -31.68 21.88 -3.33
C ASN C 66 -32.87 22.82 -3.53
N LEU C 67 -32.83 23.63 -4.57
CA LEU C 67 -33.89 24.57 -4.84
C LEU C 67 -35.29 23.97 -4.86
N GLU C 68 -35.41 22.72 -5.31
CA GLU C 68 -36.73 22.11 -5.38
C GLU C 68 -37.14 21.24 -4.18
N THR C 69 -36.27 21.16 -3.18
CA THR C 69 -36.56 20.37 -2.00
C THR C 69 -36.48 21.26 -0.77
N GLN C 70 -35.82 22.39 -0.96
CA GLN C 70 -35.62 23.36 0.11
C GLN C 70 -34.78 22.77 1.23
N GLN C 71 -34.01 21.74 0.91
CA GLN C 71 -33.12 21.12 1.87
C GLN C 71 -31.66 21.36 1.50
N ALA C 72 -30.85 21.70 2.49
CA ALA C 72 -29.44 21.98 2.27
C ALA C 72 -28.60 21.01 3.08
N VAL C 73 -27.55 20.49 2.47
CA VAL C 73 -26.67 19.56 3.18
C VAL C 73 -25.35 20.29 3.48
N GLN C 74 -24.79 20.00 4.64
CA GLN C 74 -23.53 20.61 5.02
C GLN C 74 -22.38 19.93 4.26
N LEU C 75 -21.67 20.71 3.48
CA LEU C 75 -20.55 20.24 2.67
C LEU C 75 -19.24 20.14 3.45
N THR C 76 -18.93 21.20 4.20
CA THR C 76 -17.70 21.25 4.97
C THR C 76 -17.97 21.60 6.45
N GLU C 77 -17.06 21.21 7.32
CA GLU C 77 -17.18 21.46 8.75
C GLU C 77 -15.90 22.02 9.33
N GLY C 78 -15.98 22.48 10.57
CA GLY C 78 -14.82 23.06 11.23
C GLY C 78 -14.61 24.50 10.80
N LYS C 79 -13.54 25.12 11.29
CA LYS C 79 -13.26 26.50 10.90
C LYS C 79 -12.15 26.59 9.86
N GLY C 80 -12.02 27.78 9.27
CA GLY C 80 -10.98 27.99 8.30
C GLY C 80 -11.35 27.98 6.84
N ASP C 81 -12.64 27.87 6.53
CA ASP C 81 -13.05 27.85 5.12
C ASP C 81 -13.08 29.24 4.52
N ASN C 82 -12.62 29.34 3.29
CA ASN C 82 -12.69 30.60 2.58
C ASN C 82 -14.03 30.39 1.88
N THR C 83 -15.06 31.05 2.39
CA THR C 83 -16.39 30.85 1.84
C THR C 83 -16.73 31.61 0.59
N PHE C 84 -15.77 32.35 0.03
CA PHE C 84 -16.04 33.13 -1.16
C PHE C 84 -15.54 32.55 -2.45
N GLY C 85 -14.34 31.97 -2.40
CA GLY C 85 -13.74 31.42 -3.60
C GLY C 85 -14.31 30.10 -4.07
N GLY C 86 -15.05 29.41 -3.22
CA GLY C 86 -15.60 28.12 -3.60
C GLY C 86 -16.35 28.08 -4.91
N PHE C 87 -16.36 26.92 -5.55
CA PHE C 87 -17.08 26.76 -6.83
C PHE C 87 -17.35 25.30 -7.15
N ILE C 88 -18.38 25.08 -7.96
CA ILE C 88 -18.75 23.75 -8.38
C ILE C 88 -18.00 23.36 -9.65
N SER C 89 -17.66 22.07 -9.76
CA SER C 89 -16.92 21.52 -10.92
C SER C 89 -17.80 21.53 -12.15
N THR C 90 -17.19 21.38 -13.33
CA THR C 90 -17.95 21.36 -14.58
C THR C 90 -18.86 20.14 -14.65
N ASP C 91 -18.35 19.00 -14.19
CA ASP C 91 -19.10 17.75 -14.18
C ASP C 91 -20.11 17.75 -13.05
N GLU C 92 -20.07 18.79 -12.23
CA GLU C 92 -20.98 18.96 -11.11
C GLU C 92 -20.98 17.79 -10.15
N ARG C 93 -19.85 17.11 -10.03
CA ARG C 93 -19.75 15.99 -9.10
C ARG C 93 -18.90 16.37 -7.90
N ALA C 94 -18.44 17.61 -7.88
CA ALA C 94 -17.62 18.09 -6.78
C ALA C 94 -17.48 19.60 -6.81
N PHE C 95 -17.00 20.17 -5.70
CA PHE C 95 -16.75 21.61 -5.64
C PHE C 95 -15.36 21.78 -4.98
N PHE C 96 -14.75 22.92 -5.20
CA PHE C 96 -13.43 23.20 -4.66
C PHE C 96 -13.43 24.41 -3.75
N TYR C 97 -12.58 24.39 -2.74
CA TYR C 97 -12.47 25.53 -1.83
C TYR C 97 -11.14 25.47 -1.09
N VAL C 98 -10.73 26.59 -0.51
CA VAL C 98 -9.48 26.64 0.23
C VAL C 98 -9.73 26.72 1.73
N LYS C 99 -9.03 25.88 2.48
CA LYS C 99 -9.18 25.85 3.92
C LYS C 99 -7.88 26.24 4.61
N ASN C 100 -8.00 27.09 5.63
CA ASN C 100 -6.85 27.56 6.41
C ASN C 100 -5.82 28.26 5.56
N GLU C 101 -6.27 28.75 4.42
CA GLU C 101 -5.41 29.45 3.48
C GLU C 101 -4.18 28.61 3.14
N LEU C 102 -4.25 27.30 3.32
CA LEU C 102 -3.10 26.48 3.05
C LEU C 102 -3.35 25.35 2.08
N ASN C 103 -4.50 24.71 2.24
CA ASN C 103 -4.88 23.56 1.44
C ASN C 103 -6.04 23.75 0.46
N LEU C 104 -5.78 23.52 -0.83
CA LEU C 104 -6.81 23.59 -1.85
C LEU C 104 -7.55 22.26 -1.72
N MSE C 105 -8.85 22.29 -1.47
CA MSE C 105 -9.64 21.07 -1.29
C MSE C 105 -10.58 20.78 -2.43
O MSE C 105 -11.07 21.69 -3.10
CB MSE C 105 -10.49 21.16 -0.03
CG MSE C 105 -9.74 21.64 1.17
SE MSE C 105 -8.31 20.43 1.71
CE MSE C 105 -9.43 18.82 1.97
N LYS C 106 -10.84 19.48 -2.62
CA LYS C 106 -11.76 19.01 -3.64
C LYS C 106 -12.72 18.15 -2.86
N VAL C 107 -14.01 18.46 -2.95
CA VAL C 107 -15.04 17.72 -2.23
C VAL C 107 -16.08 17.03 -3.11
N ASP C 108 -16.25 15.72 -2.93
CA ASP C 108 -17.24 14.96 -3.68
C ASP C 108 -18.61 15.42 -3.15
N LEU C 109 -19.46 15.95 -4.03
CA LEU C 109 -20.79 16.43 -3.62
C LEU C 109 -21.74 15.32 -3.21
N GLU C 110 -21.32 14.09 -3.47
CA GLU C 110 -22.12 12.92 -3.15
C GLU C 110 -21.68 12.31 -1.82
N THR C 111 -20.48 11.76 -1.81
CA THR C 111 -19.95 11.12 -0.61
C THR C 111 -19.50 12.12 0.44
N LEU C 112 -19.26 13.35 0.00
CA LEU C 112 -18.78 14.42 0.87
C LEU C 112 -17.34 14.16 1.29
N GLU C 113 -16.68 13.26 0.60
CA GLU C 113 -15.28 12.96 0.89
C GLU C 113 -14.46 14.15 0.42
N GLU C 114 -13.36 14.43 1.13
CA GLU C 114 -12.47 15.55 0.79
C GLU C 114 -11.06 15.11 0.38
N GLN C 115 -10.47 15.83 -0.57
CA GLN C 115 -9.12 15.52 -1.04
C GLN C 115 -8.30 16.79 -1.13
N VAL C 116 -7.16 16.82 -0.46
CA VAL C 116 -6.32 18.01 -0.55
C VAL C 116 -5.49 17.88 -1.85
N ILE C 117 -5.80 18.73 -2.82
CA ILE C 117 -5.12 18.67 -4.10
C ILE C 117 -3.85 19.49 -4.19
N TYR C 118 -3.64 20.41 -3.24
CA TYR C 118 -2.43 21.23 -3.25
C TYR C 118 -2.26 21.97 -1.93
N THR C 119 -1.02 22.05 -1.44
CA THR C 119 -0.74 22.73 -0.19
C THR C 119 0.38 23.73 -0.35
N VAL C 120 0.05 25.03 -0.38
CA VAL C 120 1.04 26.09 -0.54
C VAL C 120 2.34 25.82 0.21
N ASP C 121 3.46 26.12 -0.43
CA ASP C 121 4.75 25.90 0.20
C ASP C 121 5.14 26.97 1.21
N GLU C 122 5.83 26.55 2.26
CA GLU C 122 6.29 27.43 3.34
C GLU C 122 6.94 28.74 2.89
N GLU C 123 7.44 28.77 1.66
CA GLU C 123 8.10 29.94 1.09
C GLU C 123 7.14 30.97 0.56
N TRP C 124 5.93 30.53 0.21
CA TRP C 124 4.95 31.45 -0.35
C TRP C 124 3.66 31.62 0.46
N LYS C 125 2.84 32.56 0.00
CA LYS C 125 1.59 32.88 0.66
C LYS C 125 0.55 32.93 -0.43
N GLY C 126 -0.57 32.24 -0.24
CA GLY C 126 -1.61 32.23 -1.24
C GLY C 126 -2.33 33.57 -1.29
N TYR C 127 -2.61 34.06 -2.51
CA TYR C 127 -3.30 35.34 -2.68
C TYR C 127 -4.31 35.32 -3.84
N GLY C 128 -5.51 35.80 -3.58
CA GLY C 128 -6.54 35.80 -4.60
C GLY C 128 -7.41 34.55 -4.52
N THR C 129 -8.11 34.24 -5.60
CA THR C 129 -9.02 33.09 -5.69
C THR C 129 -8.63 32.12 -6.82
N TRP C 130 -8.59 30.82 -6.53
CA TRP C 130 -8.27 29.83 -7.54
C TRP C 130 -9.41 29.77 -8.56
N VAL C 131 -9.06 29.74 -9.85
CA VAL C 131 -10.03 29.66 -10.94
C VAL C 131 -9.74 28.48 -11.85
N ALA C 132 -10.67 27.54 -11.92
CA ALA C 132 -10.50 26.33 -12.73
C ALA C 132 -10.64 26.61 -14.22
N ASN C 133 -10.17 25.67 -15.03
CA ASN C 133 -10.28 25.80 -16.48
C ASN C 133 -11.59 25.11 -16.84
N SER C 134 -12.12 25.41 -18.03
CA SER C 134 -13.39 24.81 -18.42
C SER C 134 -13.49 23.31 -18.24
N ASP C 135 -12.43 22.58 -18.55
CA ASP C 135 -12.46 21.13 -18.39
C ASP C 135 -12.33 20.73 -16.93
N CYS C 136 -11.94 21.68 -16.10
CA CYS C 136 -11.80 21.43 -14.67
C CYS C 136 -10.75 20.37 -14.37
N THR C 137 -9.60 20.49 -15.00
CA THR C 137 -8.48 19.56 -14.83
C THR C 137 -7.28 20.30 -14.29
N LYS C 138 -7.31 21.62 -14.44
CA LYS C 138 -6.24 22.47 -13.98
C LYS C 138 -6.79 23.69 -13.25
N LEU C 139 -6.02 24.19 -12.29
CA LEU C 139 -6.41 25.35 -11.50
C LEU C 139 -5.31 26.39 -11.60
N VAL C 140 -5.69 27.66 -11.74
CA VAL C 140 -4.70 28.73 -11.83
C VAL C 140 -4.86 29.65 -10.62
N GLY C 141 -3.77 30.25 -10.16
CA GLY C 141 -3.84 31.14 -9.00
C GLY C 141 -2.55 31.92 -8.81
N ILE C 142 -2.47 32.82 -7.84
CA ILE C 142 -1.19 33.52 -7.64
C ILE C 142 -0.73 33.41 -6.19
N GLU C 143 0.55 33.61 -5.96
CA GLU C 143 1.10 33.54 -4.61
C GLU C 143 2.18 34.62 -4.47
N ILE C 144 2.36 35.07 -3.24
CA ILE C 144 3.31 36.12 -2.93
C ILE C 144 4.40 35.59 -2.01
N LEU C 145 5.66 35.89 -2.30
CA LEU C 145 6.75 35.40 -1.46
C LEU C 145 6.54 35.85 -0.01
N LYS C 146 6.44 34.90 0.92
CA LYS C 146 6.21 35.24 2.32
C LYS C 146 6.99 36.43 2.85
N ARG C 147 8.29 36.45 2.57
CA ARG C 147 9.14 37.54 3.02
C ARG C 147 8.63 38.91 2.54
N ASP C 148 8.12 38.97 1.32
CA ASP C 148 7.61 40.21 0.75
C ASP C 148 6.18 40.53 1.18
N TRP C 149 5.52 39.61 1.87
CA TRP C 149 4.15 39.82 2.30
C TRP C 149 4.00 40.87 3.40
N GLN C 150 2.96 41.68 3.31
CA GLN C 150 2.67 42.72 4.30
C GLN C 150 1.17 42.79 4.53
N PRO C 151 0.74 42.81 5.79
CA PRO C 151 -0.69 42.87 6.11
C PRO C 151 -1.32 44.19 5.66
N LEU C 152 -2.18 44.12 4.65
CA LEU C 152 -2.86 45.30 4.13
C LEU C 152 -3.97 45.75 5.08
N THR C 153 -3.59 46.46 6.13
CA THR C 153 -4.54 46.96 7.14
C THR C 153 -5.35 48.15 6.64
N SER C 154 -4.66 49.22 6.23
CA SER C 154 -5.31 50.44 5.75
C SER C 154 -4.83 50.84 4.36
N TRP C 155 -5.49 51.83 3.76
CA TRP C 155 -5.12 52.32 2.44
C TRP C 155 -3.66 52.78 2.42
N GLU C 156 -3.20 53.31 3.56
CA GLU C 156 -1.82 53.76 3.67
C GLU C 156 -0.91 52.55 3.44
N LYS C 157 -1.34 51.39 3.92
CA LYS C 157 -0.57 50.15 3.77
C LYS C 157 -0.78 49.54 2.39
N PHE C 158 -1.87 49.91 1.74
CA PHE C 158 -2.17 49.40 0.41
C PHE C 158 -1.13 49.92 -0.60
N ALA C 159 -1.08 51.24 -0.78
CA ALA C 159 -0.14 51.85 -1.71
C ALA C 159 1.29 51.50 -1.29
N GLU C 160 1.53 51.43 0.01
CA GLU C 160 2.83 51.10 0.56
C GLU C 160 3.32 49.76 0.00
N PHE C 161 2.47 48.75 0.09
CA PHE C 161 2.81 47.41 -0.39
C PHE C 161 3.08 47.43 -1.89
N TYR C 162 2.30 48.21 -2.63
CA TYR C 162 2.47 48.29 -4.07
C TYR C 162 3.87 48.74 -4.45
N HIS C 163 4.38 49.73 -3.74
CA HIS C 163 5.71 50.27 -4.02
C HIS C 163 6.83 49.32 -3.58
N THR C 164 6.54 48.44 -2.63
CA THR C 164 7.57 47.52 -2.16
C THR C 164 7.88 46.49 -3.25
N ASN C 165 7.23 46.63 -4.39
CA ASN C 165 7.44 45.72 -5.52
C ASN C 165 7.71 44.30 -5.05
N PRO C 166 6.69 43.65 -4.48
CA PRO C 166 6.79 42.27 -3.97
C PRO C 166 6.85 41.28 -5.11
N THR C 167 7.60 40.20 -4.91
CA THR C 167 7.74 39.15 -5.92
C THR C 167 6.56 38.19 -5.81
N CYS C 168 5.78 38.16 -6.88
CA CYS C 168 4.57 37.32 -6.97
C CYS C 168 4.68 36.40 -8.17
N ARG C 169 4.04 35.24 -8.07
CA ARG C 169 4.08 34.30 -9.18
C ARG C 169 2.67 33.79 -9.47
N LEU C 170 2.40 33.64 -10.77
CA LEU C 170 1.13 33.14 -11.25
C LEU C 170 1.35 31.65 -11.53
N ILE C 171 0.85 30.79 -10.65
CA ILE C 171 1.03 29.33 -10.81
C ILE C 171 -0.17 28.58 -11.38
N LYS C 172 0.08 27.36 -11.82
CA LYS C 172 -0.94 26.50 -12.38
C LYS C 172 -0.76 25.13 -11.76
N VAL C 173 -1.83 24.58 -11.21
CA VAL C 173 -1.81 23.28 -10.56
C VAL C 173 -2.64 22.27 -11.31
N ASP C 174 -2.18 21.03 -11.32
CA ASP C 174 -2.87 19.96 -12.02
C ASP C 174 -3.71 19.18 -11.00
N ILE C 175 -5.03 19.16 -11.20
CA ILE C 175 -5.91 18.47 -10.28
C ILE C 175 -5.50 17.02 -10.11
N GLU C 176 -5.20 16.35 -11.22
CA GLU C 176 -4.79 14.94 -11.18
C GLU C 176 -3.46 14.67 -10.51
N THR C 177 -2.40 15.32 -11.00
CA THR C 177 -1.05 15.13 -10.47
C THR C 177 -0.78 15.91 -9.18
N GLY C 178 -1.24 17.15 -9.12
CA GLY C 178 -1.02 17.96 -7.95
C GLY C 178 0.27 18.74 -8.08
N GLU C 179 0.89 18.63 -9.25
CA GLU C 179 2.14 19.32 -9.54
C GLU C 179 1.91 20.78 -9.94
N LEU C 180 2.71 21.70 -9.40
CA LEU C 180 2.56 23.11 -9.74
C LEU C 180 3.52 23.47 -10.86
N GLU C 181 3.16 24.52 -11.60
CA GLU C 181 4.00 24.97 -12.71
C GLU C 181 3.94 26.49 -12.82
N VAL C 182 5.02 27.16 -12.44
CA VAL C 182 5.05 28.62 -12.50
C VAL C 182 4.98 29.07 -13.95
N ILE C 183 3.87 29.66 -14.37
CA ILE C 183 3.73 30.13 -15.74
C ILE C 183 4.13 31.59 -15.93
N HIS C 184 4.39 32.29 -14.83
CA HIS C 184 4.79 33.69 -14.89
C HIS C 184 5.17 34.22 -13.51
N GLN C 185 6.33 34.84 -13.39
CA GLN C 185 6.75 35.40 -12.12
C GLN C 185 7.11 36.87 -12.35
N ASP C 186 7.27 37.63 -11.27
CA ASP C 186 7.59 39.06 -11.43
C ASP C 186 7.74 39.73 -10.06
N THR C 187 8.54 40.78 -10.02
CA THR C 187 8.76 41.53 -8.78
C THR C 187 7.72 42.64 -8.63
N ALA C 188 6.52 42.39 -9.16
CA ALA C 188 5.41 43.33 -9.10
C ALA C 188 4.22 42.65 -8.43
N TRP C 189 3.33 43.45 -7.86
CA TRP C 189 2.12 42.90 -7.22
C TRP C 189 1.12 42.43 -8.28
N LEU C 190 0.99 41.11 -8.45
CA LEU C 190 0.09 40.52 -9.42
C LEU C 190 -1.21 40.10 -8.74
N GLY C 191 -2.22 39.80 -9.52
CA GLY C 191 -3.47 39.38 -8.93
C GLY C 191 -4.53 38.93 -9.91
N HIS C 192 -5.66 38.51 -9.33
CA HIS C 192 -6.83 38.06 -10.05
C HIS C 192 -6.56 37.22 -11.30
N PRO C 193 -6.04 36.01 -11.11
CA PRO C 193 -5.74 35.12 -12.25
C PRO C 193 -7.04 34.47 -12.71
N ILE C 194 -7.26 34.45 -14.01
CA ILE C 194 -8.46 33.86 -14.56
C ILE C 194 -8.25 33.18 -15.90
N TYR C 195 -8.56 31.89 -15.95
CA TYR C 195 -8.44 31.10 -17.16
C TYR C 195 -9.47 31.61 -18.15
N ARG C 196 -9.11 31.66 -19.42
CA ARG C 196 -10.04 32.09 -20.45
C ARG C 196 -11.03 30.93 -20.57
N PRO C 197 -12.32 31.17 -20.37
CA PRO C 197 -13.35 30.12 -20.45
C PRO C 197 -13.00 28.87 -21.25
N PHE C 198 -13.31 28.81 -22.52
CA PHE C 198 -12.98 27.58 -23.23
C PHE C 198 -11.70 27.69 -24.05
N ASP C 199 -10.61 27.97 -23.34
CA ASP C 199 -9.33 28.14 -23.98
C ASP C 199 -8.20 28.15 -22.97
N ASP C 200 -7.73 26.97 -22.57
CA ASP C 200 -6.66 26.86 -21.58
C ASP C 200 -5.41 27.57 -22.00
N SER C 201 -5.36 27.96 -23.28
CA SER C 201 -4.21 28.65 -23.82
C SER C 201 -3.96 30.01 -23.17
N THR C 202 -5.05 30.76 -23.00
CA THR C 202 -5.03 32.10 -22.44
C THR C 202 -5.36 32.18 -20.95
N VAL C 203 -4.62 33.00 -20.23
CA VAL C 203 -4.80 33.17 -18.79
C VAL C 203 -4.68 34.64 -18.43
N GLY C 204 -5.78 35.30 -18.09
CA GLY C 204 -5.70 36.71 -17.74
C GLY C 204 -5.37 36.97 -16.27
N PHE C 205 -4.49 37.94 -16.02
CA PHE C 205 -4.12 38.31 -14.66
C PHE C 205 -4.00 39.82 -14.64
N CYS C 206 -3.47 40.40 -13.58
CA CYS C 206 -3.38 41.84 -13.53
C CYS C 206 -2.41 42.33 -12.47
N HIS C 207 -2.10 43.63 -12.54
CA HIS C 207 -1.23 44.24 -11.56
C HIS C 207 -2.14 44.93 -10.54
N GLU C 208 -1.94 44.64 -9.26
CA GLU C 208 -2.74 45.25 -8.22
C GLU C 208 -2.16 46.59 -7.83
N GLY C 209 -2.87 47.31 -6.98
CA GLY C 209 -2.41 48.62 -6.54
C GLY C 209 -3.33 49.73 -7.02
N PRO C 210 -3.12 50.98 -6.56
CA PRO C 210 -3.98 52.09 -6.98
C PRO C 210 -4.09 52.21 -8.49
N HIS C 211 -5.31 52.42 -8.98
CA HIS C 211 -5.58 52.54 -10.40
C HIS C 211 -4.89 53.74 -11.02
N ASP C 212 -4.29 54.57 -10.18
CA ASP C 212 -3.60 55.76 -10.65
C ASP C 212 -2.15 55.46 -11.01
N LEU C 213 -1.32 55.26 -9.99
CA LEU C 213 0.09 54.97 -10.21
C LEU C 213 0.35 53.53 -10.61
N VAL C 214 -0.38 53.05 -11.61
CA VAL C 214 -0.23 51.67 -12.09
C VAL C 214 -0.23 51.65 -13.62
N ASP C 215 0.81 51.04 -14.21
CA ASP C 215 0.95 50.96 -15.66
C ASP C 215 -0.32 50.50 -16.38
N ALA C 216 -0.86 49.37 -15.94
CA ALA C 216 -2.08 48.81 -16.51
C ALA C 216 -2.36 47.49 -15.80
N ARG C 217 -3.64 47.13 -15.69
CA ARG C 217 -3.97 45.88 -15.04
C ARG C 217 -4.48 44.84 -16.00
N MSE C 218 -5.04 45.30 -17.12
CA MSE C 218 -5.57 44.40 -18.13
C MSE C 218 -4.44 43.57 -18.75
O MSE C 218 -3.90 43.93 -19.80
CB MSE C 218 -6.27 45.20 -19.23
CG MSE C 218 -7.41 46.12 -18.78
SE MSE C 218 -9.04 45.19 -18.25
CE MSE C 218 -8.66 45.07 -16.36
N TRP C 219 -4.07 42.47 -18.11
CA TRP C 219 -3.01 41.64 -18.67
C TRP C 219 -3.47 40.28 -19.13
N LEU C 220 -2.69 39.70 -20.03
CA LEU C 220 -2.96 38.38 -20.62
C LEU C 220 -1.62 37.66 -20.86
N VAL C 221 -1.64 36.33 -20.78
CA VAL C 221 -0.43 35.55 -20.99
C VAL C 221 -0.82 34.12 -21.30
N ASN C 222 -0.03 33.43 -22.13
CA ASN C 222 -0.38 32.07 -22.48
C ASN C 222 -0.03 31.08 -21.39
N GLU C 223 -0.66 29.90 -21.44
CA GLU C 223 -0.41 28.91 -20.43
C GLU C 223 1.06 28.51 -20.34
N ASP C 224 1.73 28.48 -21.50
CA ASP C 224 3.13 28.10 -21.56
C ASP C 224 4.03 29.13 -20.89
N GLY C 225 3.52 30.35 -20.73
CA GLY C 225 4.28 31.39 -20.08
C GLY C 225 4.75 32.54 -20.97
N SER C 226 4.47 32.42 -22.26
CA SER C 226 4.89 33.44 -23.22
C SER C 226 3.77 34.34 -23.71
N ASN C 227 4.17 35.37 -24.47
CA ASN C 227 3.26 36.35 -25.05
C ASN C 227 2.55 37.21 -24.02
N VAL C 228 3.28 37.60 -22.98
CA VAL C 228 2.72 38.45 -21.95
C VAL C 228 2.42 39.80 -22.60
N ARG C 229 1.14 40.17 -22.63
CA ARG C 229 0.74 41.44 -23.22
C ARG C 229 -0.41 42.13 -22.49
N LYS C 230 -0.62 43.41 -22.77
CA LYS C 230 -1.69 44.14 -22.13
C LYS C 230 -2.90 44.17 -23.03
N ILE C 231 -4.08 43.88 -22.47
CA ILE C 231 -5.34 43.84 -23.22
C ILE C 231 -5.62 45.13 -23.98
N LYS C 232 -5.38 46.27 -23.33
CA LYS C 232 -5.64 47.56 -23.94
C LYS C 232 -4.39 48.42 -23.81
N GLU C 233 -4.21 49.35 -24.75
CA GLU C 233 -3.06 50.25 -24.75
C GLU C 233 -3.13 51.21 -23.57
N HIS C 234 -4.34 51.43 -23.04
CA HIS C 234 -4.55 52.35 -21.90
C HIS C 234 -4.29 53.81 -22.29
N ALA C 235 -5.37 54.56 -22.48
CA ALA C 235 -5.26 55.97 -22.85
C ALA C 235 -4.91 56.81 -21.62
N GLU C 236 -4.11 57.85 -21.81
CA GLU C 236 -3.69 58.72 -20.71
C GLU C 236 -4.92 59.27 -19.98
N GLY C 237 -5.12 58.82 -18.75
CA GLY C 237 -6.26 59.29 -17.97
C GLY C 237 -7.37 58.25 -17.82
N GLU C 238 -7.32 57.19 -18.61
CA GLU C 238 -8.33 56.13 -18.56
C GLU C 238 -7.95 55.03 -17.58
N SER C 239 -8.86 54.70 -16.68
CA SER C 239 -8.61 53.64 -15.70
C SER C 239 -9.55 52.47 -15.98
N CYS C 240 -9.01 51.25 -15.96
CA CYS C 240 -9.81 50.05 -16.23
C CYS C 240 -9.92 49.16 -15.00
N THR C 241 -11.09 48.57 -14.81
CA THR C 241 -11.31 47.71 -13.65
C THR C 241 -12.54 46.84 -13.79
N HIS C 242 -12.74 45.97 -12.80
CA HIS C 242 -13.90 45.09 -12.79
C HIS C 242 -13.86 44.09 -13.93
N GLU C 243 -12.66 43.82 -14.46
CA GLU C 243 -12.53 42.89 -15.58
C GLU C 243 -13.02 41.49 -15.24
N PHE C 244 -13.58 40.80 -16.23
CA PHE C 244 -14.04 39.45 -16.02
C PHE C 244 -14.33 38.79 -17.37
N TRP C 245 -13.99 37.51 -17.48
CA TRP C 245 -14.23 36.78 -18.70
C TRP C 245 -15.73 36.56 -18.84
N ILE C 246 -16.24 36.69 -20.05
CA ILE C 246 -17.66 36.43 -20.26
C ILE C 246 -17.70 34.90 -20.33
N PRO C 247 -18.61 34.28 -19.57
CA PRO C 247 -18.79 32.82 -19.50
C PRO C 247 -18.44 31.99 -20.73
N ASP C 248 -18.96 32.37 -21.90
CA ASP C 248 -18.68 31.62 -23.11
C ASP C 248 -17.26 31.86 -23.63
N GLY C 249 -16.54 32.78 -23.01
CA GLY C 249 -15.18 33.06 -23.44
C GLY C 249 -15.08 33.96 -24.66
N SER C 250 -16.18 34.58 -25.04
CA SER C 250 -16.22 35.45 -26.21
C SER C 250 -15.35 36.68 -26.08
N ALA C 251 -15.18 37.19 -24.86
CA ALA C 251 -14.37 38.39 -24.67
C ALA C 251 -14.09 38.71 -23.22
N MSE C 252 -13.23 39.70 -22.99
CA MSE C 252 -12.88 40.15 -21.65
C MSE C 252 -13.61 41.46 -21.39
O MSE C 252 -13.19 42.50 -21.87
CB MSE C 252 -11.36 40.40 -21.54
CG MSE C 252 -10.90 40.98 -20.20
SE MSE C 252 -10.94 39.66 -18.72
CE MSE C 252 -9.12 38.97 -18.87
N ALA C 253 -14.70 41.42 -20.64
CA ALA C 253 -15.45 42.64 -20.34
C ALA C 253 -14.89 43.39 -19.14
N TYR C 254 -14.90 44.72 -19.23
CA TYR C 254 -14.42 45.55 -18.13
C TYR C 254 -15.06 46.94 -18.15
N VAL C 255 -14.70 47.76 -17.17
CA VAL C 255 -15.23 49.10 -17.05
C VAL C 255 -14.11 50.12 -17.02
N SER C 256 -14.26 51.19 -17.78
CA SER C 256 -13.25 52.22 -17.82
C SER C 256 -13.84 53.57 -17.46
N TYR C 257 -13.01 54.43 -16.89
CA TYR C 257 -13.41 55.78 -16.48
C TYR C 257 -12.36 56.78 -16.91
N PHE C 258 -12.80 57.81 -17.62
CA PHE C 258 -11.92 58.86 -18.11
C PHE C 258 -12.05 60.10 -17.22
N LYS C 259 -10.93 60.61 -16.71
CA LYS C 259 -10.96 61.80 -15.86
C LYS C 259 -11.46 63.01 -16.66
N GLY C 260 -12.62 63.51 -16.25
CA GLY C 260 -13.21 64.65 -16.94
C GLY C 260 -14.29 64.25 -17.91
N GLN C 261 -14.81 63.05 -17.76
CA GLN C 261 -15.87 62.59 -18.66
C GLN C 261 -17.08 62.22 -17.81
N THR C 262 -16.86 62.19 -16.49
CA THR C 262 -17.90 61.87 -15.51
C THR C 262 -18.86 60.73 -15.92
N ASP C 263 -18.37 59.83 -16.77
CA ASP C 263 -19.16 58.68 -17.23
C ASP C 263 -18.34 57.42 -17.39
N ARG C 264 -18.84 56.33 -16.79
CA ARG C 264 -18.18 55.04 -16.84
C ARG C 264 -18.80 54.21 -17.98
N VAL C 265 -17.96 53.57 -18.79
CA VAL C 265 -18.45 52.78 -19.90
C VAL C 265 -17.90 51.36 -19.92
N ILE C 266 -18.77 50.40 -20.19
CA ILE C 266 -18.37 49.01 -20.26
C ILE C 266 -17.66 48.75 -21.58
N TYR C 267 -16.66 47.87 -21.54
CA TYR C 267 -15.88 47.55 -22.73
C TYR C 267 -15.71 46.05 -22.88
N LYS C 268 -15.63 45.59 -24.13
CA LYS C 268 -15.41 44.18 -24.42
C LYS C 268 -14.12 44.08 -25.23
N ALA C 269 -13.18 43.26 -24.77
CA ALA C 269 -11.92 43.08 -25.47
C ALA C 269 -11.83 41.67 -26.06
N ASN C 270 -11.47 41.58 -27.34
CA ASN C 270 -11.33 40.29 -28.01
C ASN C 270 -10.04 39.62 -27.53
N PRO C 271 -10.13 38.43 -26.91
CA PRO C 271 -8.95 37.70 -26.40
C PRO C 271 -7.90 37.33 -27.45
N GLU C 272 -8.35 37.11 -28.69
CA GLU C 272 -7.48 36.75 -29.80
C GLU C 272 -6.98 37.98 -30.57
N THR C 273 -7.91 38.76 -31.09
CA THR C 273 -7.59 39.97 -31.86
C THR C 273 -6.99 41.09 -31.00
N LEU C 274 -7.23 41.02 -29.70
CA LEU C 274 -6.75 42.02 -28.74
C LEU C 274 -7.24 43.41 -29.10
N GLU C 275 -8.43 43.49 -29.67
CA GLU C 275 -9.01 44.76 -30.06
C GLU C 275 -10.20 45.07 -29.16
N ASN C 276 -10.14 46.19 -28.45
CA ASN C 276 -11.22 46.56 -27.55
C ASN C 276 -12.30 47.39 -28.26
N GLU C 277 -13.50 47.39 -27.69
CA GLU C 277 -14.62 48.14 -28.25
C GLU C 277 -15.67 48.41 -27.19
N GLU C 278 -16.15 49.66 -27.17
CA GLU C 278 -17.16 50.09 -26.22
C GLU C 278 -18.48 49.35 -26.48
N VAL C 279 -19.20 49.06 -25.39
CA VAL C 279 -20.48 48.35 -25.50
C VAL C 279 -21.64 49.22 -25.01
N MSE C 280 -21.46 49.91 -23.89
CA MSE C 280 -22.51 50.79 -23.37
C MSE C 280 -22.10 51.53 -22.10
O MSE C 280 -21.02 51.27 -21.54
CB MSE C 280 -23.79 49.99 -23.09
CG MSE C 280 -23.82 49.28 -21.75
SE MSE C 280 -25.57 48.54 -21.32
CE MSE C 280 -25.16 46.68 -21.70
N VAL C 281 -22.95 52.44 -21.64
CA VAL C 281 -22.68 53.21 -20.44
C VAL C 281 -22.73 52.29 -19.24
N MSE C 282 -22.37 52.82 -18.08
CA MSE C 282 -22.34 52.03 -16.87
C MSE C 282 -23.02 52.76 -15.73
O MSE C 282 -22.52 53.75 -15.22
CB MSE C 282 -20.88 51.75 -16.47
CG MSE C 282 -20.49 50.29 -16.37
SE MSE C 282 -21.06 49.41 -14.74
CE MSE C 282 -19.70 50.01 -13.55
N PRO C 283 -24.18 52.26 -15.30
CA PRO C 283 -24.87 52.93 -14.18
C PRO C 283 -24.02 52.86 -12.91
N PRO C 284 -24.27 53.73 -11.94
CA PRO C 284 -23.50 53.74 -10.69
C PRO C 284 -23.54 52.38 -9.98
N CYS C 285 -22.64 51.48 -10.36
CA CYS C 285 -22.59 50.15 -9.75
C CYS C 285 -21.20 49.70 -9.32
N SER C 286 -21.14 48.87 -8.28
CA SER C 286 -19.86 48.37 -7.77
C SER C 286 -19.31 47.23 -8.59
N HIS C 287 -20.02 46.11 -8.59
CA HIS C 287 -19.58 44.93 -9.34
C HIS C 287 -20.36 44.81 -10.61
N LEU C 288 -19.85 44.01 -11.54
CA LEU C 288 -20.51 43.79 -12.83
C LEU C 288 -20.28 42.34 -13.29
N MSE C 289 -21.36 41.65 -13.65
CA MSE C 289 -21.27 40.28 -14.11
C MSE C 289 -22.17 40.14 -15.32
O MSE C 289 -23.17 40.84 -15.43
CB MSE C 289 -21.70 39.31 -13.03
CG MSE C 289 -21.69 37.82 -13.44
SE MSE C 289 -20.03 37.19 -14.27
CE MSE C 289 -18.77 38.30 -13.28
N SER C 290 -21.82 39.24 -16.24
CA SER C 290 -22.65 39.09 -17.41
C SER C 290 -23.34 37.75 -17.48
N ASN C 291 -24.08 37.60 -18.56
CA ASN C 291 -24.83 36.42 -18.88
C ASN C 291 -23.80 35.44 -19.45
N PHE C 292 -24.26 34.30 -19.98
CA PHE C 292 -23.34 33.34 -20.55
C PHE C 292 -22.74 33.86 -21.84
N ASP C 293 -23.57 34.42 -22.70
CA ASP C 293 -23.12 34.96 -23.98
C ASP C 293 -22.79 36.44 -23.90
N GLY C 294 -23.06 37.05 -22.76
CA GLY C 294 -22.78 38.46 -22.60
C GLY C 294 -23.87 39.38 -23.13
N SER C 295 -25.03 38.80 -23.41
CA SER C 295 -26.18 39.55 -23.91
C SER C 295 -26.88 40.29 -22.77
N LEU C 296 -26.70 39.78 -21.57
CA LEU C 296 -27.30 40.37 -20.38
C LEU C 296 -26.23 40.65 -19.34
N MSE C 297 -26.44 41.67 -18.53
CA MSE C 297 -25.48 41.99 -17.47
C MSE C 297 -26.21 42.48 -16.23
O MSE C 297 -27.29 43.06 -16.32
CB MSE C 297 -24.49 43.05 -17.95
CG MSE C 297 -23.46 42.53 -18.93
SE MSE C 297 -21.90 43.67 -19.09
CE MSE C 297 -20.88 42.62 -20.40
N VAL C 298 -25.61 42.25 -15.08
CA VAL C 298 -26.24 42.69 -13.85
C VAL C 298 -25.25 43.53 -13.06
N GLY C 299 -25.77 44.53 -12.37
CA GLY C 299 -24.92 45.43 -11.61
C GLY C 299 -25.37 45.76 -10.20
N ASP C 300 -24.40 46.16 -9.39
CA ASP C 300 -24.60 46.51 -7.99
C ASP C 300 -24.75 47.99 -7.70
N GLY C 301 -25.98 48.46 -7.52
CA GLY C 301 -26.15 49.87 -7.21
C GLY C 301 -25.50 50.21 -5.87
N CYS C 302 -24.79 51.32 -5.80
CA CYS C 302 -24.13 51.71 -4.56
C CYS C 302 -24.12 53.22 -4.36
N ASP C 303 -23.11 53.71 -3.63
CA ASP C 303 -22.98 55.13 -3.36
C ASP C 303 -21.77 55.66 -4.12
N ALA C 304 -21.38 56.91 -3.87
CA ALA C 304 -20.24 57.52 -4.58
C ALA C 304 -18.91 56.83 -4.29
N ASN C 315 -26.09 65.05 0.24
CA ASN C 315 -27.06 65.75 -0.60
C ASN C 315 -27.69 64.79 -1.61
N ILE C 316 -26.86 64.05 -2.34
CA ILE C 316 -27.30 63.08 -3.33
C ILE C 316 -28.16 61.98 -2.70
N GLU C 317 -27.88 60.71 -3.04
CA GLU C 317 -28.65 59.59 -2.51
C GLU C 317 -28.03 58.25 -2.87
N ASN C 318 -27.91 57.37 -1.88
CA ASN C 318 -27.34 56.04 -2.10
C ASN C 318 -28.29 55.18 -2.92
N ASP C 319 -27.75 54.53 -3.96
CA ASP C 319 -28.55 53.70 -4.86
C ASP C 319 -28.60 52.26 -4.37
N PRO C 320 -29.77 51.81 -3.90
CA PRO C 320 -29.88 50.43 -3.41
C PRO C 320 -30.45 49.48 -4.46
N PHE C 321 -30.35 49.83 -5.74
CA PHE C 321 -30.93 48.99 -6.78
C PHE C 321 -29.99 48.08 -7.56
N LEU C 322 -30.54 46.96 -8.04
CA LEU C 322 -29.80 46.02 -8.84
C LEU C 322 -30.15 46.36 -10.27
N TYR C 323 -29.17 46.32 -11.16
CA TYR C 323 -29.45 46.67 -12.54
C TYR C 323 -29.31 45.52 -13.52
N VAL C 324 -30.19 45.48 -14.50
CA VAL C 324 -30.12 44.43 -15.51
C VAL C 324 -29.93 45.13 -16.87
N LEU C 325 -28.67 45.25 -17.27
CA LEU C 325 -28.32 45.89 -18.53
C LEU C 325 -28.58 44.98 -19.71
N ASN C 326 -28.99 45.58 -20.81
CA ASN C 326 -29.27 44.85 -22.04
C ASN C 326 -28.19 45.24 -23.04
N THR C 327 -27.16 44.40 -23.20
CA THR C 327 -26.04 44.66 -24.10
C THR C 327 -26.45 45.16 -25.50
N LYS C 328 -27.26 44.37 -26.19
CA LYS C 328 -27.71 44.72 -27.52
C LYS C 328 -28.46 46.05 -27.54
N ALA C 329 -29.59 46.12 -26.83
CA ALA C 329 -30.38 47.33 -26.78
C ALA C 329 -29.62 48.47 -26.09
N LYS C 330 -28.48 48.15 -25.50
CA LYS C 330 -27.66 49.15 -24.82
C LYS C 330 -28.53 49.95 -23.86
N SER C 331 -29.11 49.27 -22.88
CA SER C 331 -30.01 49.93 -21.93
C SER C 331 -30.00 49.27 -20.56
N ALA C 332 -29.81 50.06 -19.52
CA ALA C 332 -29.80 49.56 -18.16
C ALA C 332 -31.20 49.74 -17.57
N GLN C 333 -31.61 48.83 -16.70
CA GLN C 333 -32.94 48.93 -16.11
C GLN C 333 -32.92 48.41 -14.66
N LYS C 334 -33.66 49.06 -13.78
CA LYS C 334 -33.71 48.63 -12.39
C LYS C 334 -34.53 47.35 -12.27
N LEU C 335 -33.91 46.29 -11.76
CA LEU C 335 -34.59 45.00 -11.60
C LEU C 335 -35.43 45.04 -10.34
N CYS C 336 -34.76 45.06 -9.20
CA CYS C 336 -35.44 45.11 -7.95
C CYS C 336 -34.51 45.88 -7.05
N LYS C 337 -34.71 45.74 -5.75
CA LYS C 337 -33.88 46.47 -4.81
C LYS C 337 -33.18 45.48 -3.87
N HIS C 338 -31.88 45.69 -3.64
CA HIS C 338 -31.12 44.84 -2.74
C HIS C 338 -30.96 45.49 -1.38
N SER C 339 -30.99 46.82 -1.35
CA SER C 339 -30.89 47.59 -0.11
C SER C 339 -29.93 46.97 0.90
N THR C 340 -28.65 46.94 0.55
CA THR C 340 -27.69 46.36 1.46
C THR C 340 -26.90 47.45 2.17
N SER C 341 -26.55 47.20 3.43
CA SER C 341 -25.76 48.12 4.24
C SER C 341 -24.33 47.66 4.05
N TRP C 342 -23.60 48.29 3.14
CA TRP C 342 -22.23 47.87 2.88
C TRP C 342 -21.29 47.82 4.09
N ASP C 343 -21.82 47.47 5.25
CA ASP C 343 -21.05 47.40 6.47
C ASP C 343 -20.06 46.24 6.45
N VAL C 344 -19.06 46.33 7.31
CA VAL C 344 -18.05 45.29 7.40
C VAL C 344 -18.31 44.46 8.64
N LEU C 345 -18.71 43.21 8.45
CA LEU C 345 -18.98 42.32 9.57
C LEU C 345 -17.73 41.59 10.02
N ASP C 346 -17.32 41.80 11.27
CA ASP C 346 -16.15 41.15 11.83
C ASP C 346 -14.97 41.24 10.90
N GLY C 347 -14.70 42.44 10.40
CA GLY C 347 -13.58 42.62 9.50
C GLY C 347 -13.81 42.10 8.10
N ASP C 348 -14.88 41.32 7.92
CA ASP C 348 -15.20 40.79 6.59
C ASP C 348 -15.97 41.85 5.83
N ARG C 349 -15.39 42.35 4.74
CA ARG C 349 -16.05 43.38 3.97
C ARG C 349 -16.88 42.85 2.80
N GLN C 350 -16.65 41.59 2.43
CA GLN C 350 -17.37 41.03 1.31
C GLN C 350 -18.72 40.35 1.57
N ILE C 351 -18.93 39.78 2.76
CA ILE C 351 -20.21 39.10 3.03
C ILE C 351 -21.40 39.97 2.73
N THR C 352 -21.19 41.26 2.92
CA THR C 352 -22.25 42.24 2.73
C THR C 352 -22.46 42.63 1.26
N HIS C 353 -21.55 42.23 0.38
CA HIS C 353 -21.71 42.56 -1.04
C HIS C 353 -22.78 41.70 -1.72
N PRO C 354 -23.64 42.32 -2.54
CA PRO C 354 -24.70 41.60 -3.25
C PRO C 354 -24.13 40.55 -4.22
N HIS C 355 -23.07 40.93 -4.94
CA HIS C 355 -22.42 40.05 -5.92
C HIS C 355 -23.43 39.38 -6.83
N PRO C 356 -24.27 40.19 -7.48
CA PRO C 356 -25.30 39.66 -8.38
C PRO C 356 -24.74 38.76 -9.48
N SER C 357 -25.44 37.69 -9.76
CA SER C 357 -25.05 36.73 -10.77
C SER C 357 -26.34 36.19 -11.38
N PHE C 358 -26.30 35.88 -12.67
CA PHE C 358 -27.49 35.34 -13.31
C PHE C 358 -27.67 33.86 -13.00
N THR C 359 -28.90 33.39 -13.06
CA THR C 359 -29.21 32.00 -12.82
C THR C 359 -28.86 31.30 -14.13
N PRO C 360 -28.59 29.98 -14.09
CA PRO C 360 -28.23 29.24 -15.31
C PRO C 360 -29.11 29.40 -16.55
N ASN C 361 -30.32 29.93 -16.39
CA ASN C 361 -31.19 30.12 -17.54
C ASN C 361 -31.71 31.56 -17.62
N ASP C 362 -31.13 32.43 -16.81
CA ASP C 362 -31.50 33.85 -16.80
C ASP C 362 -32.89 34.20 -16.30
N ASP C 363 -33.54 33.30 -15.58
CA ASP C 363 -34.86 33.64 -15.08
C ASP C 363 -34.74 34.36 -13.74
N GLY C 364 -33.53 34.41 -13.18
CA GLY C 364 -33.35 35.07 -11.91
C GLY C 364 -31.95 35.58 -11.65
N VAL C 365 -31.80 36.37 -10.59
CA VAL C 365 -30.52 36.91 -10.19
C VAL C 365 -30.33 36.60 -8.73
N LEU C 366 -29.23 35.90 -8.43
CA LEU C 366 -28.88 35.51 -7.07
C LEU C 366 -28.00 36.60 -6.51
N PHE C 367 -28.19 36.93 -5.23
CA PHE C 367 -27.40 37.97 -4.59
C PHE C 367 -27.56 37.93 -3.08
N THR C 368 -26.63 38.58 -2.37
CA THR C 368 -26.67 38.61 -0.91
C THR C 368 -27.16 39.97 -0.43
N SER C 369 -27.77 40.00 0.75
CA SER C 369 -28.19 41.27 1.34
C SER C 369 -28.47 41.11 2.82
N ASP C 370 -28.31 42.19 3.58
CA ASP C 370 -28.58 42.12 5.01
C ASP C 370 -29.63 43.12 5.43
N PHE C 371 -30.48 43.51 4.48
CA PHE C 371 -31.51 44.49 4.80
C PHE C 371 -32.52 43.99 5.83
N GLU C 372 -32.74 42.68 5.90
CA GLU C 372 -33.66 42.13 6.88
C GLU C 372 -32.95 41.93 8.21
N GLY C 373 -31.76 42.53 8.35
CA GLY C 373 -31.04 42.41 9.59
C GLY C 373 -29.70 41.70 9.54
N VAL C 374 -29.66 40.54 8.89
CA VAL C 374 -28.41 39.81 8.80
C VAL C 374 -28.21 39.37 7.36
N PRO C 375 -26.95 39.20 6.95
CA PRO C 375 -26.74 38.78 5.57
C PRO C 375 -27.48 37.47 5.24
N ALA C 376 -28.20 37.50 4.12
CA ALA C 376 -28.97 36.38 3.62
C ALA C 376 -28.93 36.32 2.10
N ILE C 377 -29.39 35.20 1.56
CA ILE C 377 -29.37 34.97 0.11
C ILE C 377 -30.74 35.09 -0.56
N TYR C 378 -30.82 35.89 -1.62
CA TYR C 378 -32.07 36.09 -2.34
C TYR C 378 -31.90 35.79 -3.82
N ILE C 379 -33.01 35.52 -4.50
CA ILE C 379 -33.00 35.30 -5.93
C ILE C 379 -34.12 36.14 -6.49
N ALA C 380 -33.77 37.18 -7.24
CA ALA C 380 -34.77 38.06 -7.83
C ALA C 380 -35.19 37.56 -9.20
N ASP C 381 -36.50 37.44 -9.43
CA ASP C 381 -36.99 37.00 -10.72
C ASP C 381 -36.57 38.01 -11.77
N VAL C 382 -36.53 37.59 -13.04
CA VAL C 382 -36.17 38.52 -14.10
C VAL C 382 -37.13 38.33 -15.26
N PRO C 383 -38.23 39.10 -15.27
CA PRO C 383 -39.24 39.04 -16.31
C PRO C 383 -38.67 39.23 -17.71
N GLU C 384 -39.41 38.79 -18.73
CA GLU C 384 -38.95 38.91 -20.09
C GLU C 384 -38.69 40.35 -20.52
N SER C 385 -39.40 41.29 -19.92
CA SER C 385 -39.20 42.70 -20.25
C SER C 385 -37.96 43.22 -19.52
N TYR C 386 -37.30 42.32 -18.79
CA TYR C 386 -36.11 42.65 -17.99
C TYR C 386 -36.39 43.76 -16.98
N LYS C 387 -37.54 43.69 -16.29
CA LYS C 387 -37.92 44.73 -15.33
C LYS C 387 -36.90 44.95 -14.21
MN MN D . 7.23 -37.94 -15.74
MN MN E . 16.60 5.88 15.46
MN MN F . -17.08 42.64 -3.91
#